data_2FHB
#
_entry.id   2FHB
#
_cell.length_a   150.258
_cell.length_b   60.601
_cell.length_c   135.104
_cell.angle_alpha   90.00
_cell.angle_beta   114.429
_cell.angle_gamma   90.00
#
_symmetry.space_group_name_H-M   'C 1 2 1'
#
loop_
_entity.id
_entity.type
_entity.pdbx_description
1 polymer 'Alpha-dextrin endo-1,6-alpha-glucosidase'
2 branched alpha-D-glucopyranose-(1-4)-alpha-D-glucopyranose
3 non-polymer 'CALCIUM ION'
4 water water
#
_entity_poly.entity_id   1
_entity_poly.type   'polypeptide(L)'
_entity_poly.pdbx_seq_one_letter_code
;CDNSSSSSTSGSPGSPGNPGNPGTPGTPDPQDVVVRLPDVAVPGEAVQASARQAVIHLVDIAGITSSTPADYATKNLYLW
NNETCDALSAPVADWNDVSTTPTGSDKYGPYWVIPLTKESGCINVIVRDGTNKLIDSDLRVSFSDFTDRTVSVIAGNSAV
YDSRADAFRAAFGVALADAHWVDKTTLLWPGGENKPIVRLYYSHSSKVAADSNGEFSDKYVKLTPTTVNQQVSMRFPHLA
SYPAFKLPDDVNVDELLQGETVAIAAESDGILSSATQVQTAGVLDDTYAAAAEALSYGAQLTDSGVTFRVWAPTAQQVEL
VIYSADKKVIASHPMTRDSASGAWSWQGGSDLKGAFYRYAMTVYHPQSRKVEQYEVTDPYAHSLSTNSEYSQVVDLNDSA
LKPEGWDGLTMPHAQKTKADLAKMTIHESHIRDLSAWDQTVPAELRGKYLALTAQESNMVQHLKQLSASGVTHIELLPVF
DLATVNEFSDKVADIQQPFSRLCEVNSAVKSSEFAGYCDSGSTVEEVLTQLKQNDSKDNPQVQALNTLVAQTDSYNWGYD
PFHYTVPEGSYATDPEGTARIKEFRTMIQAIKQDLGMNVIMDVVYNHTNAAGPTDRTSVLDKIVPWYYQRLNETTGSVES
ATCCSDSAPEHRMFAKLIADSLAVWTTDYKIDGFRFDLMLYHPKAQILSAWERIKALNPDIYFFGEGWDSNQSDRFEIAS
QINLKGTGIGTFSDRLRDAVRGGGPFDSGDALRQNQGVGSGAGVLPNELTTLSDDQARHLADLTRLGMAGNLADFVLIDK
DGAVKRGSEIDYNGAPGGYAADPTEVVNYVSKHDNQTLWDMISYKAAQEADLDTRVRMQAVSLATVMLGQGIAFDQQGSE
LLRSKSFTRDSYDSGDWFNRVDYSLQDNNYNVGMPRSSDDGSNYDIIARVKDAVATPGETELKQMTAFYQELTALRKSSP
LFTLGDGATVMKRVDFRNTGADQQTGLLVMTIDDGMQAGASLDSRVDGIVVAINAAPESRTLQDFAGTSLQLSAIQQAAG
DRSLASGVQVAADGSVTLPAWSVAVLELPQGESQGAGLPVSSK
;
_entity_poly.pdbx_strand_id   A
#
loop_
_chem_comp.id
_chem_comp.type
_chem_comp.name
_chem_comp.formula
CA non-polymer 'CALCIUM ION' 'Ca 2'
GLC D-saccharide, alpha linking alpha-D-glucopyranose 'C6 H12 O6'
#
# COMPACT_ATOMS: atom_id res chain seq x y z
N ASP A 32 -33.23 3.26 40.34
CA ASP A 32 -32.04 2.83 39.54
C ASP A 32 -31.95 1.31 39.49
N VAL A 33 -32.65 0.71 38.54
CA VAL A 33 -32.64 -0.74 38.38
C VAL A 33 -31.22 -1.25 38.21
N VAL A 34 -30.95 -2.45 38.70
CA VAL A 34 -29.62 -3.04 38.60
C VAL A 34 -29.57 -3.98 37.40
N VAL A 35 -28.95 -3.51 36.31
CA VAL A 35 -28.82 -4.31 35.10
C VAL A 35 -28.26 -5.70 35.44
N ARG A 36 -28.97 -6.74 35.00
CA ARG A 36 -28.56 -8.10 35.28
C ARG A 36 -28.81 -8.99 34.07
N LEU A 37 -28.04 -10.07 33.96
CA LEU A 37 -28.18 -11.01 32.87
C LEU A 37 -29.54 -11.69 33.01
N PRO A 38 -30.21 -11.98 31.90
CA PRO A 38 -31.53 -12.63 31.93
C PRO A 38 -31.50 -13.91 32.78
N ASP A 39 -31.62 -13.73 34.09
CA ASP A 39 -31.61 -14.85 35.02
C ASP A 39 -33.05 -15.24 35.35
N VAL A 40 -33.98 -14.34 35.01
CA VAL A 40 -35.40 -14.56 35.27
C VAL A 40 -35.86 -15.88 34.65
N ALA A 41 -35.81 -15.97 33.33
CA ALA A 41 -36.24 -17.16 32.61
C ALA A 41 -35.06 -18.02 32.16
N VAL A 42 -34.19 -18.38 33.10
CA VAL A 42 -33.03 -19.20 32.78
C VAL A 42 -33.36 -20.68 32.76
N PRO A 43 -32.70 -21.44 31.87
CA PRO A 43 -32.92 -22.89 31.75
C PRO A 43 -32.43 -23.62 32.99
N GLY A 44 -33.14 -24.69 33.36
CA GLY A 44 -32.74 -25.47 34.51
C GLY A 44 -31.78 -26.55 34.08
N GLU A 45 -31.81 -27.69 34.75
CA GLU A 45 -30.94 -28.80 34.39
C GLU A 45 -31.78 -29.97 33.90
N ALA A 46 -31.62 -30.32 32.63
CA ALA A 46 -32.37 -31.42 32.05
C ALA A 46 -32.22 -32.67 32.90
N VAL A 47 -30.99 -32.96 33.31
CA VAL A 47 -30.71 -34.13 34.13
C VAL A 47 -29.30 -34.08 34.71
N GLN A 48 -29.12 -34.71 35.86
CA GLN A 48 -27.81 -34.75 36.52
C GLN A 48 -27.18 -36.12 36.29
N ALA A 49 -25.86 -36.19 36.45
CA ALA A 49 -25.14 -37.45 36.25
C ALA A 49 -25.28 -38.36 37.47
N SER A 50 -25.28 -39.66 37.23
CA SER A 50 -25.39 -40.64 38.29
C SER A 50 -24.06 -41.34 38.52
N ALA A 51 -24.06 -42.67 38.41
CA ALA A 51 -22.84 -43.45 38.61
C ALA A 51 -22.21 -43.83 37.27
N ARG A 52 -20.92 -43.55 37.12
CA ARG A 52 -20.20 -43.87 35.90
C ARG A 52 -20.86 -43.28 34.66
N GLN A 53 -21.22 -42.00 34.73
CA GLN A 53 -21.84 -41.33 33.59
C GLN A 53 -21.68 -39.81 33.67
N ALA A 54 -21.45 -39.20 32.51
CA ALA A 54 -21.27 -37.75 32.43
C ALA A 54 -22.30 -37.14 31.48
N VAL A 55 -23.12 -36.23 32.00
CA VAL A 55 -24.14 -35.57 31.21
C VAL A 55 -23.62 -34.26 30.63
N ILE A 56 -23.98 -33.97 29.39
CA ILE A 56 -23.56 -32.74 28.74
C ILE A 56 -24.75 -32.07 28.05
N HIS A 57 -24.95 -30.79 28.33
CA HIS A 57 -26.05 -30.03 27.76
C HIS A 57 -25.59 -29.10 26.64
N LEU A 58 -26.46 -28.90 25.66
CA LEU A 58 -26.17 -28.02 24.54
C LEU A 58 -27.27 -26.96 24.49
N VAL A 59 -27.16 -25.98 25.38
CA VAL A 59 -28.15 -24.90 25.46
C VAL A 59 -28.38 -24.24 24.10
N ASP A 60 -29.57 -24.47 23.56
CA ASP A 60 -29.94 -23.91 22.25
C ASP A 60 -31.02 -22.84 22.43
N ILE A 61 -30.61 -21.58 22.41
CA ILE A 61 -31.56 -20.48 22.57
C ILE A 61 -32.70 -20.58 21.56
N ALA A 62 -33.82 -21.15 22.00
CA ALA A 62 -34.99 -21.32 21.15
C ALA A 62 -35.89 -20.09 21.25
N GLY A 63 -36.23 -19.53 20.09
CA GLY A 63 -37.09 -18.36 20.07
C GLY A 63 -38.36 -18.57 20.86
N ILE A 64 -38.92 -17.50 21.40
CA ILE A 64 -40.13 -17.58 22.19
C ILE A 64 -41.26 -18.29 21.43
N THR A 65 -41.27 -18.12 20.11
CA THR A 65 -42.30 -18.74 19.28
C THR A 65 -42.09 -20.25 19.16
N SER A 66 -41.07 -20.76 19.83
CA SER A 66 -40.78 -22.19 19.80
C SER A 66 -42.09 -22.93 20.06
N SER A 67 -42.71 -23.40 18.99
CA SER A 67 -43.98 -24.11 19.07
C SER A 67 -43.80 -25.62 18.98
N THR A 68 -42.75 -26.05 18.31
CA THR A 68 -42.47 -27.47 18.15
C THR A 68 -41.00 -27.75 18.45
N PRO A 69 -40.72 -28.87 19.15
CA PRO A 69 -39.33 -29.20 19.48
C PRO A 69 -38.48 -29.36 18.22
N ALA A 70 -37.55 -28.43 18.03
CA ALA A 70 -36.66 -28.46 16.86
C ALA A 70 -36.06 -29.85 16.69
N ASP A 71 -35.54 -30.11 15.49
CA ASP A 71 -34.94 -31.40 15.21
C ASP A 71 -33.46 -31.43 15.56
N TYR A 72 -33.15 -32.10 16.67
CA TYR A 72 -31.76 -32.23 17.11
C TYR A 72 -31.24 -33.60 16.72
N ALA A 73 -31.92 -34.23 15.77
CA ALA A 73 -31.56 -35.55 15.29
C ALA A 73 -30.18 -35.58 14.66
N THR A 74 -29.82 -34.51 13.96
CA THR A 74 -28.52 -34.43 13.30
C THR A 74 -27.45 -33.92 14.27
N LYS A 75 -27.81 -33.82 15.54
CA LYS A 75 -26.89 -33.35 16.57
C LYS A 75 -26.14 -34.57 17.12
N ASN A 76 -24.85 -34.39 17.40
CA ASN A 76 -24.05 -35.49 17.94
C ASN A 76 -22.71 -35.00 18.48
N LEU A 77 -22.03 -35.87 19.22
CA LEU A 77 -20.73 -35.53 19.81
C LEU A 77 -19.66 -36.51 19.34
N TYR A 78 -18.40 -36.14 19.54
CA TYR A 78 -17.28 -36.99 19.16
C TYR A 78 -16.46 -37.30 20.40
N LEU A 79 -16.58 -38.53 20.89
CA LEU A 79 -15.87 -38.95 22.09
C LEU A 79 -14.56 -39.67 21.80
N TRP A 80 -13.61 -39.54 22.73
CA TRP A 80 -12.30 -40.17 22.62
C TRP A 80 -11.55 -39.94 23.92
N ASN A 81 -10.78 -40.94 24.34
CA ASN A 81 -10.01 -40.84 25.57
C ASN A 81 -8.54 -41.18 25.37
N ASN A 82 -7.80 -40.24 24.81
CA ASN A 82 -6.38 -40.44 24.55
C ASN A 82 -5.58 -40.48 25.86
N GLU A 83 -4.30 -40.16 25.77
CA GLU A 83 -3.41 -40.17 26.93
C GLU A 83 -3.90 -39.23 28.04
N THR A 84 -4.19 -37.98 27.68
CA THR A 84 -4.65 -36.98 28.64
C THR A 84 -5.85 -37.48 29.45
N CYS A 85 -7.03 -37.38 28.85
CA CYS A 85 -8.26 -37.81 29.52
C CYS A 85 -8.64 -39.22 29.04
N ASP A 86 -8.99 -40.08 29.99
CA ASP A 86 -9.37 -41.46 29.67
C ASP A 86 -10.50 -41.96 30.55
N ALA A 87 -11.45 -41.08 30.85
CA ALA A 87 -12.58 -41.45 31.69
C ALA A 87 -13.72 -42.05 30.88
N LEU A 88 -13.76 -41.73 29.59
CA LEU A 88 -14.80 -42.25 28.71
C LEU A 88 -14.82 -43.77 28.69
N SER A 89 -16.02 -44.33 28.56
CA SER A 89 -16.19 -45.77 28.51
C SER A 89 -16.65 -46.20 27.12
N ALA A 90 -15.72 -46.72 26.33
CA ALA A 90 -16.02 -47.16 24.97
C ALA A 90 -16.46 -45.97 24.11
N PRO A 91 -15.55 -45.01 23.89
CA PRO A 91 -15.84 -43.81 23.09
C PRO A 91 -16.03 -44.12 21.60
N VAL A 92 -16.55 -43.14 20.86
CA VAL A 92 -16.79 -43.30 19.44
C VAL A 92 -15.46 -43.42 18.70
N ALA A 93 -15.46 -44.17 17.61
CA ALA A 93 -14.25 -44.36 16.81
C ALA A 93 -14.19 -43.43 15.62
N ASP A 94 -14.92 -43.80 14.55
CA ASP A 94 -14.95 -43.02 13.32
C ASP A 94 -15.50 -41.61 13.53
N TRP A 95 -15.06 -40.70 12.65
CA TRP A 95 -15.50 -39.31 12.70
C TRP A 95 -16.78 -39.20 11.85
N ASN A 96 -16.99 -40.20 11.01
CA ASN A 96 -18.17 -40.25 10.14
C ASN A 96 -19.30 -41.01 10.81
N ASP A 97 -19.24 -41.09 12.14
CA ASP A 97 -20.25 -41.80 12.92
C ASP A 97 -21.16 -40.80 13.63
N VAL A 98 -22.37 -40.62 13.13
CA VAL A 98 -23.32 -39.68 13.71
C VAL A 98 -24.43 -40.37 14.49
N SER A 99 -24.12 -41.52 15.08
CA SER A 99 -25.10 -42.26 15.85
C SER A 99 -25.07 -41.82 17.31
N THR A 100 -24.14 -40.92 17.62
CA THR A 100 -23.98 -40.41 18.97
C THR A 100 -25.00 -39.30 19.21
N THR A 101 -26.21 -39.50 18.68
CA THR A 101 -27.30 -38.53 18.82
C THR A 101 -27.67 -38.28 20.28
N PRO A 102 -28.41 -37.18 20.55
CA PRO A 102 -28.83 -36.82 21.91
C PRO A 102 -29.61 -37.91 22.63
N THR A 103 -29.45 -37.97 23.95
CA THR A 103 -30.15 -38.96 24.77
C THR A 103 -31.58 -38.46 24.96
N GLY A 104 -31.74 -37.14 24.87
CA GLY A 104 -33.04 -36.52 25.03
C GLY A 104 -32.90 -35.02 24.86
N SER A 105 -34.01 -34.29 24.90
CA SER A 105 -33.98 -32.84 24.76
C SER A 105 -35.25 -32.20 25.31
N ASP A 106 -35.24 -30.87 25.42
CA ASP A 106 -36.39 -30.13 25.93
C ASP A 106 -36.45 -28.75 25.29
N LYS A 107 -37.18 -27.83 25.92
CA LYS A 107 -37.31 -26.48 25.39
C LYS A 107 -36.01 -25.68 25.44
N TYR A 108 -34.94 -26.29 25.95
CA TYR A 108 -33.66 -25.59 26.03
C TYR A 108 -32.50 -26.32 25.36
N GLY A 109 -32.81 -27.21 24.42
CA GLY A 109 -31.76 -27.95 23.73
C GLY A 109 -31.64 -29.39 24.17
N PRO A 110 -30.84 -30.20 23.45
CA PRO A 110 -30.64 -31.62 23.76
C PRO A 110 -29.54 -31.83 24.79
N TYR A 111 -29.40 -33.08 25.23
CA TYR A 111 -28.37 -33.42 26.21
C TYR A 111 -27.86 -34.83 25.93
N TRP A 112 -26.65 -35.13 26.40
CA TRP A 112 -26.04 -36.43 26.18
C TRP A 112 -25.61 -37.08 27.48
N VAL A 113 -25.80 -38.39 27.57
CA VAL A 113 -25.42 -39.17 28.74
C VAL A 113 -24.25 -40.07 28.34
N ILE A 114 -23.03 -39.58 28.58
CA ILE A 114 -21.82 -40.32 28.24
C ILE A 114 -21.40 -41.30 29.34
N PRO A 115 -21.29 -42.59 29.00
CA PRO A 115 -20.88 -43.61 29.97
C PRO A 115 -19.44 -43.40 30.43
N LEU A 116 -19.15 -43.80 31.66
CA LEU A 116 -17.80 -43.64 32.20
C LEU A 116 -17.28 -44.89 32.90
N THR A 117 -15.95 -45.04 32.90
CA THR A 117 -15.31 -46.18 33.53
C THR A 117 -14.80 -45.74 34.91
N LYS A 118 -14.59 -44.44 35.05
CA LYS A 118 -14.10 -43.87 36.30
C LYS A 118 -14.65 -42.46 36.47
N GLU A 119 -15.17 -42.18 37.67
CA GLU A 119 -15.73 -40.86 37.96
C GLU A 119 -14.66 -39.87 38.38
N SER A 120 -13.44 -40.11 37.91
CA SER A 120 -12.31 -39.23 38.23
C SER A 120 -11.42 -39.03 37.01
N GLY A 121 -11.11 -37.78 36.71
CA GLY A 121 -10.28 -37.47 35.55
C GLY A 121 -10.93 -36.44 34.65
N CYS A 122 -11.10 -36.80 33.38
CA CYS A 122 -11.70 -35.91 32.41
C CYS A 122 -12.03 -36.61 31.10
N ILE A 123 -12.74 -35.91 30.22
CA ILE A 123 -13.11 -36.45 28.92
C ILE A 123 -13.04 -35.36 27.85
N ASN A 124 -12.83 -35.77 26.60
CA ASN A 124 -12.73 -34.83 25.50
C ASN A 124 -13.90 -35.04 24.53
N VAL A 125 -14.56 -33.96 24.15
CA VAL A 125 -15.71 -34.05 23.24
C VAL A 125 -15.72 -32.91 22.22
N ILE A 126 -16.43 -33.12 21.12
CA ILE A 126 -16.57 -32.13 20.07
C ILE A 126 -18.01 -32.05 19.59
N VAL A 127 -18.75 -31.05 20.09
CA VAL A 127 -20.14 -30.87 19.72
C VAL A 127 -20.29 -30.58 18.24
N ARG A 128 -21.04 -31.44 17.54
CA ARG A 128 -21.26 -31.27 16.10
C ARG A 128 -22.74 -31.26 15.75
N ASP A 129 -23.02 -30.88 14.51
CA ASP A 129 -24.39 -30.83 13.99
C ASP A 129 -24.44 -31.76 12.77
N GLY A 130 -23.40 -32.55 12.61
CA GLY A 130 -23.31 -33.47 11.50
C GLY A 130 -21.87 -33.89 11.27
N THR A 131 -21.20 -33.17 10.38
CA THR A 131 -19.80 -33.45 10.07
C THR A 131 -18.96 -32.23 10.46
N ASN A 132 -19.61 -31.07 10.48
CA ASN A 132 -18.95 -29.82 10.83
C ASN A 132 -18.73 -29.77 12.34
N LYS A 133 -18.07 -28.71 12.80
CA LYS A 133 -17.81 -28.53 14.22
C LYS A 133 -18.61 -27.36 14.78
N LEU A 134 -19.71 -27.68 15.47
CA LEU A 134 -20.56 -26.66 16.06
C LEU A 134 -19.70 -25.73 16.91
N ILE A 135 -18.57 -26.26 17.38
CA ILE A 135 -17.63 -25.50 18.19
C ILE A 135 -16.21 -25.77 17.68
N ASP A 136 -15.52 -24.72 17.28
CA ASP A 136 -14.15 -24.83 16.76
C ASP A 136 -13.12 -24.90 17.88
N SER A 137 -13.10 -26.03 18.59
CA SER A 137 -12.15 -26.22 19.68
C SER A 137 -12.43 -27.52 20.44
N ASP A 138 -11.38 -28.08 21.02
CA ASP A 138 -11.52 -29.32 21.80
C ASP A 138 -11.89 -28.96 23.22
N LEU A 139 -12.83 -29.71 23.80
CA LEU A 139 -13.28 -29.45 25.15
C LEU A 139 -12.84 -30.54 26.13
N ARG A 140 -12.39 -30.12 27.30
CA ARG A 140 -11.93 -31.05 28.33
C ARG A 140 -12.84 -30.97 29.54
N VAL A 141 -13.62 -32.02 29.78
CA VAL A 141 -14.53 -32.04 30.92
C VAL A 141 -13.81 -32.56 32.16
N SER A 142 -13.13 -31.67 32.87
CA SER A 142 -12.41 -32.02 34.08
C SER A 142 -13.36 -32.29 35.23
N PHE A 143 -13.31 -33.50 35.76
CA PHE A 143 -14.18 -33.90 36.87
C PHE A 143 -13.79 -33.17 38.15
N SER A 144 -12.55 -32.72 38.23
CA SER A 144 -12.07 -32.02 39.41
C SER A 144 -12.62 -30.60 39.44
N ASP A 145 -13.06 -30.12 38.29
CA ASP A 145 -13.63 -28.78 38.18
C ASP A 145 -15.15 -28.84 38.30
N PHE A 146 -15.73 -29.96 37.87
CA PHE A 146 -17.17 -30.15 37.95
C PHE A 146 -17.45 -31.49 38.61
N THR A 147 -17.50 -31.48 39.95
CA THR A 147 -17.76 -32.70 40.72
C THR A 147 -19.06 -33.38 40.31
N ASP A 148 -20.05 -32.57 39.93
CA ASP A 148 -21.35 -33.09 39.51
C ASP A 148 -21.28 -33.72 38.13
N ARG A 149 -20.18 -33.47 37.43
CA ARG A 149 -19.97 -34.00 36.08
C ARG A 149 -21.17 -33.74 35.17
N THR A 150 -21.73 -32.55 35.29
CA THR A 150 -22.88 -32.15 34.47
C THR A 150 -22.64 -30.74 33.93
N VAL A 151 -22.02 -30.65 32.75
CA VAL A 151 -21.72 -29.37 32.14
C VAL A 151 -22.67 -29.00 31.01
N SER A 152 -22.56 -27.76 30.55
CA SER A 152 -23.39 -27.24 29.47
C SER A 152 -22.54 -26.40 28.53
N VAL A 153 -22.84 -26.47 27.24
CA VAL A 153 -22.08 -25.72 26.24
C VAL A 153 -22.96 -24.81 25.40
N ILE A 154 -22.34 -23.76 24.84
CA ILE A 154 -23.04 -22.80 24.01
C ILE A 154 -22.53 -22.89 22.57
N ALA A 155 -23.45 -22.85 21.62
CA ALA A 155 -23.09 -22.92 20.20
C ALA A 155 -22.22 -21.74 19.85
N GLY A 156 -21.00 -22.01 19.38
CA GLY A 156 -20.09 -20.95 19.01
C GLY A 156 -19.38 -20.38 20.24
N ASN A 157 -19.20 -21.24 21.24
CA ASN A 157 -18.53 -20.84 22.47
C ASN A 157 -17.38 -21.82 22.73
N SER A 158 -16.31 -21.34 23.34
CA SER A 158 -15.14 -22.17 23.62
C SER A 158 -15.06 -22.62 25.07
N ALA A 159 -15.74 -21.89 25.96
CA ALA A 159 -15.72 -22.22 27.39
C ALA A 159 -16.76 -23.28 27.75
N VAL A 160 -16.51 -23.96 28.86
CA VAL A 160 -17.40 -25.00 29.36
C VAL A 160 -18.02 -24.53 30.66
N TYR A 161 -19.35 -24.49 30.70
CA TYR A 161 -20.07 -24.03 31.88
C TYR A 161 -20.56 -25.17 32.77
N ASP A 162 -20.84 -24.84 34.02
CA ASP A 162 -21.29 -25.83 35.01
C ASP A 162 -22.80 -26.12 34.93
N SER A 163 -23.56 -25.18 34.40
CA SER A 163 -25.00 -25.35 34.28
C SER A 163 -25.55 -24.66 33.04
N ARG A 164 -26.76 -25.05 32.63
CA ARG A 164 -27.38 -24.46 31.45
C ARG A 164 -27.75 -23.01 31.75
N ALA A 165 -27.92 -22.70 33.03
CA ALA A 165 -28.26 -21.35 33.45
C ALA A 165 -27.08 -20.42 33.21
N ASP A 166 -25.87 -20.92 33.52
CA ASP A 166 -24.64 -20.16 33.33
C ASP A 166 -24.35 -19.93 31.85
N ALA A 167 -24.41 -21.00 31.08
CA ALA A 167 -24.16 -20.93 29.64
C ALA A 167 -25.15 -19.97 28.99
N PHE A 168 -26.39 -19.99 29.49
CA PHE A 168 -27.45 -19.12 28.98
C PHE A 168 -27.08 -17.66 29.17
N ARG A 169 -26.85 -17.27 30.42
CA ARG A 169 -26.49 -15.88 30.72
C ARG A 169 -25.20 -15.48 29.99
N ALA A 170 -24.39 -16.47 29.64
CA ALA A 170 -23.14 -16.22 28.94
C ALA A 170 -23.37 -15.69 27.53
N ALA A 171 -24.51 -16.05 26.95
CA ALA A 171 -24.84 -15.62 25.59
C ALA A 171 -25.35 -14.18 25.58
N PHE A 172 -25.35 -13.53 26.73
CA PHE A 172 -25.81 -12.16 26.84
C PHE A 172 -24.69 -11.23 27.31
N GLY A 173 -23.46 -11.66 27.09
CA GLY A 173 -22.31 -10.85 27.50
C GLY A 173 -21.96 -9.74 26.52
N VAL A 174 -20.73 -9.27 26.59
CA VAL A 174 -20.25 -8.20 25.72
C VAL A 174 -19.86 -8.75 24.36
N ALA A 175 -20.37 -8.13 23.30
CA ALA A 175 -20.06 -8.56 21.95
C ALA A 175 -19.91 -7.36 21.01
N LEU A 176 -19.01 -7.49 20.05
CA LEU A 176 -18.76 -6.44 19.06
C LEU A 176 -18.31 -5.13 19.72
N ALA A 177 -18.38 -4.05 18.95
CA ALA A 177 -17.99 -2.74 19.43
C ALA A 177 -18.59 -1.66 18.54
N ASP A 178 -19.92 -1.65 18.45
CA ASP A 178 -20.62 -0.68 17.61
C ASP A 178 -21.04 0.59 18.34
N ALA A 179 -20.39 0.87 19.47
CA ALA A 179 -20.68 2.07 20.24
C ALA A 179 -19.53 3.05 19.97
N HIS A 180 -19.87 4.29 19.66
CA HIS A 180 -18.87 5.30 19.34
C HIS A 180 -18.96 6.53 20.23
N TRP A 181 -17.95 6.71 21.07
CA TRP A 181 -17.88 7.87 21.96
C TRP A 181 -17.10 8.91 21.15
N VAL A 182 -17.84 9.71 20.40
CA VAL A 182 -17.27 10.71 19.49
C VAL A 182 -16.82 12.05 20.06
N ASP A 183 -17.39 12.46 21.19
CA ASP A 183 -16.97 13.71 21.82
C ASP A 183 -17.27 13.64 23.30
N LYS A 184 -16.81 14.63 24.06
CA LYS A 184 -17.01 14.65 25.50
C LYS A 184 -18.37 14.18 26.01
N THR A 185 -19.44 14.68 25.40
CA THR A 185 -20.79 14.33 25.86
C THR A 185 -21.67 13.60 24.86
N THR A 186 -21.09 13.06 23.79
CA THR A 186 -21.92 12.37 22.80
C THR A 186 -21.49 10.93 22.54
N LEU A 187 -22.47 10.03 22.64
CA LEU A 187 -22.25 8.61 22.39
C LEU A 187 -23.20 8.22 21.26
N LEU A 188 -22.71 7.48 20.27
CA LEU A 188 -23.52 7.04 19.15
C LEU A 188 -23.58 5.52 19.19
N TRP A 189 -24.77 4.95 19.32
CA TRP A 189 -24.91 3.50 19.41
C TRP A 189 -26.29 2.97 19.02
N PRO A 190 -26.34 2.12 17.99
CA PRO A 190 -27.58 1.52 17.50
C PRO A 190 -28.31 0.67 18.55
N GLY A 191 -27.57 -0.24 19.16
CA GLY A 191 -28.14 -1.13 20.17
C GLY A 191 -28.83 -0.48 21.37
N GLY A 192 -28.77 0.84 21.47
CA GLY A 192 -29.40 1.51 22.58
C GLY A 192 -30.65 2.28 22.21
N GLU A 193 -31.09 2.13 20.96
CA GLU A 193 -32.27 2.83 20.48
C GLU A 193 -33.56 2.33 21.15
N ASN A 194 -34.37 3.27 21.61
CA ASN A 194 -35.64 2.98 22.28
C ASN A 194 -35.54 2.32 23.65
N LYS A 195 -34.41 1.69 23.95
CA LYS A 195 -34.22 1.01 25.23
C LYS A 195 -34.34 1.98 26.42
N PRO A 196 -35.19 1.65 27.40
CA PRO A 196 -35.41 2.46 28.61
C PRO A 196 -34.14 2.80 29.38
N ILE A 197 -33.28 1.80 29.57
CA ILE A 197 -32.03 2.01 30.30
C ILE A 197 -30.81 1.90 29.41
N VAL A 198 -30.15 3.04 29.18
CA VAL A 198 -28.95 3.11 28.36
C VAL A 198 -27.86 3.74 29.21
N ARG A 199 -26.79 2.99 29.49
CA ARG A 199 -25.70 3.49 30.31
C ARG A 199 -24.32 3.09 29.80
N LEU A 200 -23.32 3.82 30.27
CA LEU A 200 -21.93 3.56 29.89
C LEU A 200 -21.18 3.08 31.13
N TYR A 201 -21.00 1.78 31.25
CA TYR A 201 -20.28 1.19 32.38
C TYR A 201 -18.77 1.23 32.16
N TYR A 202 -18.01 1.19 33.25
CA TYR A 202 -16.56 1.23 33.13
C TYR A 202 -15.82 0.60 34.30
N SER A 203 -14.66 0.04 34.00
CA SER A 203 -13.81 -0.61 34.98
C SER A 203 -12.36 -0.21 34.72
N HIS A 204 -11.69 0.28 35.76
CA HIS A 204 -10.31 0.72 35.64
C HIS A 204 -9.31 -0.38 35.29
N SER A 205 -9.28 -1.43 36.10
CA SER A 205 -8.33 -2.52 35.88
C SER A 205 -8.93 -3.85 35.47
N SER A 206 -10.26 -3.95 35.47
CA SER A 206 -10.90 -5.20 35.12
C SER A 206 -11.82 -5.13 33.91
N LYS A 207 -12.23 -6.30 33.45
CA LYS A 207 -13.12 -6.44 32.32
C LYS A 207 -14.55 -6.45 32.84
N VAL A 208 -15.33 -5.45 32.46
CA VAL A 208 -16.72 -5.38 32.92
C VAL A 208 -17.49 -6.62 32.50
N ALA A 209 -18.31 -7.14 33.40
CA ALA A 209 -19.11 -8.33 33.13
C ALA A 209 -19.95 -8.67 34.35
N ALA A 210 -21.11 -9.29 34.13
CA ALA A 210 -21.98 -9.65 35.24
C ALA A 210 -21.23 -10.52 36.23
N ASP A 211 -21.32 -10.17 37.51
CA ASP A 211 -20.64 -10.90 38.57
C ASP A 211 -21.25 -12.29 38.78
N SER A 212 -20.80 -12.98 39.83
CA SER A 212 -21.28 -14.31 40.15
C SER A 212 -22.80 -14.37 40.05
N ASN A 213 -23.47 -13.44 40.74
CA ASN A 213 -24.93 -13.36 40.72
C ASN A 213 -25.42 -13.35 39.29
N GLY A 214 -25.00 -12.34 38.54
CA GLY A 214 -25.41 -12.21 37.16
C GLY A 214 -25.89 -10.79 36.92
N GLU A 215 -25.46 -9.88 37.78
CA GLU A 215 -25.82 -8.48 37.68
C GLU A 215 -24.57 -7.66 37.46
N PHE A 216 -24.72 -6.52 36.78
CA PHE A 216 -23.59 -5.65 36.51
C PHE A 216 -23.44 -4.64 37.63
N SER A 217 -22.49 -4.90 38.52
CA SER A 217 -22.24 -4.05 39.68
C SER A 217 -21.12 -3.03 39.48
N ASP A 218 -20.57 -2.95 38.28
CA ASP A 218 -19.50 -1.99 38.01
C ASP A 218 -20.02 -0.56 38.02
N LYS A 219 -19.12 0.39 38.16
CA LYS A 219 -19.47 1.81 38.17
C LYS A 219 -19.95 2.17 36.77
N TYR A 220 -20.76 3.22 36.67
CA TYR A 220 -21.27 3.65 35.36
C TYR A 220 -21.86 5.04 35.38
N VAL A 221 -22.21 5.54 34.20
CA VAL A 221 -22.81 6.86 34.03
C VAL A 221 -24.08 6.70 33.19
N LYS A 222 -25.14 7.40 33.57
CA LYS A 222 -26.40 7.31 32.86
C LYS A 222 -26.47 8.16 31.60
N LEU A 223 -26.90 7.55 30.51
CA LEU A 223 -27.02 8.22 29.22
C LEU A 223 -28.48 8.50 28.89
N THR A 224 -28.74 9.66 28.28
CA THR A 224 -30.10 10.02 27.89
C THR A 224 -30.14 10.38 26.41
N PRO A 225 -31.16 9.87 25.69
CA PRO A 225 -31.33 10.12 24.26
C PRO A 225 -31.13 11.59 23.89
N THR A 226 -30.54 11.82 22.73
CA THR A 226 -30.30 13.18 22.23
C THR A 226 -30.17 13.15 20.71
N THR A 227 -29.89 14.30 20.11
CA THR A 227 -29.74 14.38 18.67
C THR A 227 -28.31 14.81 18.31
N VAL A 228 -27.71 14.13 17.34
CA VAL A 228 -26.36 14.45 16.92
C VAL A 228 -26.24 15.90 16.48
N ASN A 229 -25.28 16.60 17.08
CA ASN A 229 -25.05 18.01 16.76
C ASN A 229 -24.41 18.19 15.39
N GLN A 230 -24.31 19.43 14.96
CA GLN A 230 -23.72 19.77 13.68
C GLN A 230 -22.22 19.48 13.63
N GLN A 231 -21.56 19.61 14.77
CA GLN A 231 -20.12 19.36 14.86
C GLN A 231 -19.79 17.90 14.62
N VAL A 232 -20.50 17.01 15.31
CA VAL A 232 -20.28 15.57 15.17
C VAL A 232 -20.62 15.11 13.76
N SER A 233 -21.71 15.64 13.23
CA SER A 233 -22.17 15.28 11.90
C SER A 233 -21.11 15.58 10.84
N MET A 234 -20.41 16.71 11.01
CA MET A 234 -19.37 17.11 10.08
C MET A 234 -18.10 16.28 10.25
N ARG A 235 -17.78 15.94 11.50
CA ARG A 235 -16.59 15.15 11.79
C ARG A 235 -16.70 13.70 11.34
N PHE A 236 -17.86 13.08 11.60
CA PHE A 236 -18.06 11.69 11.22
C PHE A 236 -19.39 11.51 10.49
N PRO A 237 -19.47 11.98 9.23
CA PRO A 237 -20.67 11.89 8.40
C PRO A 237 -21.25 10.49 8.32
N HIS A 238 -20.38 9.48 8.30
CA HIS A 238 -20.80 8.10 8.21
C HIS A 238 -21.50 7.56 9.45
N LEU A 239 -21.50 8.33 10.53
CA LEU A 239 -22.15 7.92 11.77
C LEU A 239 -23.28 8.90 12.12
N ALA A 240 -23.48 9.90 11.27
CA ALA A 240 -24.49 10.92 11.49
C ALA A 240 -25.93 10.42 11.66
N SER A 241 -26.19 9.18 11.26
CA SER A 241 -27.54 8.64 11.38
C SER A 241 -27.66 7.63 12.52
N TYR A 242 -26.64 7.53 13.36
CA TYR A 242 -26.65 6.62 14.50
C TYR A 242 -27.47 7.22 15.63
N PRO A 243 -28.12 6.39 16.44
CA PRO A 243 -28.91 6.90 17.56
C PRO A 243 -27.94 7.61 18.52
N ALA A 244 -28.21 8.87 18.84
CA ALA A 244 -27.33 9.64 19.71
C ALA A 244 -27.75 9.63 21.18
N PHE A 245 -26.76 9.66 22.06
CA PHE A 245 -26.98 9.67 23.51
C PHE A 245 -26.08 10.73 24.13
N LYS A 246 -26.60 11.42 25.14
CA LYS A 246 -25.85 12.48 25.80
C LYS A 246 -25.31 12.09 27.17
N LEU A 247 -24.11 12.55 27.48
CA LEU A 247 -23.45 12.29 28.76
C LEU A 247 -23.49 13.54 29.62
N PRO A 248 -23.65 13.37 30.94
CA PRO A 248 -23.68 14.55 31.81
C PRO A 248 -22.41 15.38 31.62
N ASP A 249 -22.54 16.71 31.69
CA ASP A 249 -21.40 17.61 31.50
C ASP A 249 -20.31 17.54 32.56
N ASP A 250 -20.65 17.00 33.73
CA ASP A 250 -19.68 16.90 34.82
C ASP A 250 -18.99 15.55 34.90
N VAL A 251 -19.07 14.77 33.83
CA VAL A 251 -18.45 13.46 33.81
C VAL A 251 -16.93 13.60 33.70
N ASN A 252 -16.20 12.78 34.44
CA ASN A 252 -14.74 12.80 34.44
C ASN A 252 -14.24 11.92 33.28
N VAL A 253 -14.25 12.47 32.07
CA VAL A 253 -13.83 11.73 30.90
C VAL A 253 -12.44 11.12 31.04
N ASP A 254 -11.49 11.89 31.56
CA ASP A 254 -10.12 11.41 31.74
C ASP A 254 -10.06 10.09 32.50
N GLU A 255 -10.86 9.98 33.56
CA GLU A 255 -10.88 8.76 34.36
C GLU A 255 -11.47 7.57 33.62
N LEU A 256 -12.58 7.78 32.92
CA LEU A 256 -13.20 6.69 32.19
C LEU A 256 -12.30 6.15 31.07
N LEU A 257 -11.53 7.03 30.45
CA LEU A 257 -10.64 6.61 29.36
C LEU A 257 -9.40 5.87 29.84
N GLN A 258 -9.24 5.71 31.16
CA GLN A 258 -8.10 5.02 31.73
C GLN A 258 -8.26 3.50 31.69
N GLY A 259 -9.49 3.03 31.58
CA GLY A 259 -9.72 1.60 31.53
C GLY A 259 -10.70 1.20 30.44
N GLU A 260 -11.43 0.12 30.67
CA GLU A 260 -12.41 -0.36 29.70
C GLU A 260 -13.74 0.33 29.90
N THR A 261 -14.40 0.64 28.80
CA THR A 261 -15.71 1.28 28.83
C THR A 261 -16.65 0.43 27.99
N VAL A 262 -17.87 0.23 28.48
CA VAL A 262 -18.85 -0.57 27.76
C VAL A 262 -20.22 0.04 27.81
N ALA A 263 -20.89 0.05 26.66
CA ALA A 263 -22.23 0.58 26.56
C ALA A 263 -23.21 -0.58 26.74
N ILE A 264 -24.16 -0.40 27.65
CA ILE A 264 -25.14 -1.44 27.91
C ILE A 264 -26.56 -0.93 27.79
N ALA A 265 -27.44 -1.77 27.26
CA ALA A 265 -28.84 -1.43 27.08
C ALA A 265 -29.70 -2.43 27.84
N ALA A 266 -30.79 -1.93 28.44
CA ALA A 266 -31.70 -2.78 29.21
C ALA A 266 -33.11 -2.21 29.23
N GLU A 267 -34.08 -3.08 29.52
CA GLU A 267 -35.48 -2.66 29.56
C GLU A 267 -35.80 -2.00 30.90
N SER A 268 -37.06 -1.67 31.11
CA SER A 268 -37.49 -1.04 32.35
C SER A 268 -37.20 -1.91 33.57
N ASP A 269 -37.32 -3.23 33.40
CA ASP A 269 -37.08 -4.16 34.50
C ASP A 269 -35.59 -4.26 34.82
N GLY A 270 -34.75 -3.68 33.96
CA GLY A 270 -33.33 -3.71 34.19
C GLY A 270 -32.61 -4.94 33.67
N ILE A 271 -33.24 -5.67 32.75
CA ILE A 271 -32.62 -6.86 32.19
C ILE A 271 -31.79 -6.46 30.97
N LEU A 272 -30.58 -7.01 30.87
CA LEU A 272 -29.68 -6.70 29.77
C LEU A 272 -30.16 -7.20 28.41
N SER A 273 -30.15 -6.31 27.42
CA SER A 273 -30.57 -6.65 26.07
C SER A 273 -29.34 -6.75 25.16
N SER A 274 -28.30 -6.00 25.50
CA SER A 274 -27.06 -6.00 24.72
C SER A 274 -25.99 -5.11 25.36
N ALA A 275 -24.74 -5.53 25.22
CA ALA A 275 -23.60 -4.78 25.75
C ALA A 275 -22.46 -4.88 24.75
N THR A 276 -21.88 -3.73 24.40
CA THR A 276 -20.78 -3.73 23.43
C THR A 276 -19.64 -2.79 23.82
N GLN A 277 -18.47 -3.02 23.23
CA GLN A 277 -17.30 -2.18 23.50
C GLN A 277 -17.45 -0.81 22.82
N VAL A 278 -16.63 0.14 23.25
CA VAL A 278 -16.71 1.49 22.72
C VAL A 278 -15.45 1.97 21.99
N GLN A 279 -15.65 2.56 20.81
CA GLN A 279 -14.55 3.11 20.03
C GLN A 279 -14.42 4.55 20.53
N THR A 280 -13.25 4.88 21.05
CA THR A 280 -13.00 6.19 21.65
C THR A 280 -12.14 7.19 20.90
N ALA A 281 -11.75 6.91 19.66
CA ALA A 281 -10.92 7.84 18.90
C ALA A 281 -11.51 9.25 18.87
N GLY A 282 -12.80 9.35 18.60
CA GLY A 282 -13.45 10.64 18.54
C GLY A 282 -13.37 11.49 19.79
N VAL A 283 -13.66 10.90 20.96
CA VAL A 283 -13.60 11.67 22.21
C VAL A 283 -12.15 12.00 22.56
N LEU A 284 -11.22 11.15 22.14
CA LEU A 284 -9.81 11.40 22.42
C LEU A 284 -9.37 12.68 21.70
N ASP A 285 -9.81 12.84 20.45
CA ASP A 285 -9.45 14.04 19.68
C ASP A 285 -10.11 15.28 20.29
N ASP A 286 -11.39 15.16 20.62
CA ASP A 286 -12.14 16.28 21.18
C ASP A 286 -11.61 16.73 22.54
N THR A 287 -11.02 15.80 23.29
CA THR A 287 -10.50 16.11 24.61
C THR A 287 -9.03 16.52 24.66
N TYR A 288 -8.18 15.80 23.94
CA TYR A 288 -6.74 16.04 23.96
C TYR A 288 -6.02 16.61 22.72
N ALA A 289 -6.59 16.40 21.53
CA ALA A 289 -5.94 16.82 20.29
C ALA A 289 -5.36 18.23 20.17
N ALA A 290 -6.15 19.26 20.47
CA ALA A 290 -5.65 20.63 20.35
C ALA A 290 -4.42 20.88 21.23
N ALA A 291 -4.51 20.48 22.50
CA ALA A 291 -3.39 20.66 23.43
C ALA A 291 -2.18 19.84 22.99
N ALA A 292 -2.43 18.60 22.55
CA ALA A 292 -1.36 17.72 22.12
C ALA A 292 -0.69 18.17 20.82
N GLU A 293 -1.46 18.77 19.92
CA GLU A 293 -0.92 19.25 18.64
C GLU A 293 0.11 20.37 18.83
N ALA A 294 -0.02 21.09 19.93
CA ALA A 294 0.88 22.20 20.20
C ALA A 294 2.25 21.78 20.73
N LEU A 295 2.46 20.48 20.93
CA LEU A 295 3.73 19.99 21.46
C LEU A 295 4.58 19.22 20.45
N SER A 296 5.87 19.03 20.76
CA SER A 296 6.78 18.30 19.89
C SER A 296 7.07 16.94 20.53
N TYR A 297 7.25 15.92 19.68
CA TYR A 297 7.45 14.56 20.15
C TYR A 297 8.77 13.88 19.76
N GLY A 298 9.06 12.77 20.45
CA GLY A 298 10.28 12.00 20.22
C GLY A 298 11.33 12.34 21.25
N ALA A 299 12.56 11.85 21.05
CA ALA A 299 13.67 12.12 21.95
C ALA A 299 14.34 13.35 21.36
N GLN A 300 14.01 14.51 21.93
CA GLN A 300 14.49 15.79 21.45
C GLN A 300 15.72 16.29 22.18
N LEU A 301 16.87 16.11 21.55
CA LEU A 301 18.17 16.48 22.10
C LEU A 301 18.51 17.93 21.76
N THR A 302 18.56 18.79 22.78
CA THR A 302 18.88 20.20 22.59
C THR A 302 20.03 20.69 23.47
N ASP A 303 20.15 22.00 23.62
CA ASP A 303 21.21 22.61 24.42
C ASP A 303 21.18 22.20 25.88
N SER A 304 20.07 22.46 26.55
CA SER A 304 19.91 22.11 27.96
C SER A 304 20.02 20.62 28.22
N GLY A 305 19.80 19.81 27.18
CA GLY A 305 19.88 18.37 27.35
C GLY A 305 18.95 17.62 26.40
N VAL A 306 18.05 16.81 26.96
CA VAL A 306 17.13 16.04 26.14
C VAL A 306 15.74 15.98 26.77
N THR A 307 14.71 16.04 25.94
CA THR A 307 13.34 15.96 26.42
C THR A 307 12.64 14.89 25.60
N PHE A 308 12.15 13.85 26.27
CA PHE A 308 11.42 12.78 25.60
C PHE A 308 9.94 13.07 25.76
N ARG A 309 9.15 12.86 24.72
CA ARG A 309 7.71 13.05 24.81
C ARG A 309 6.99 12.08 23.90
N VAL A 310 5.96 11.42 24.44
CA VAL A 310 5.16 10.47 23.69
C VAL A 310 3.68 10.71 24.03
N TRP A 311 2.81 10.65 23.02
CA TRP A 311 1.39 10.86 23.26
C TRP A 311 0.73 9.53 23.61
N ALA A 312 0.15 9.44 24.79
CA ALA A 312 -0.52 8.23 25.26
C ALA A 312 -1.61 8.64 26.25
N PRO A 313 -2.67 9.27 25.74
CA PRO A 313 -3.82 9.75 26.52
C PRO A 313 -4.63 8.73 27.34
N THR A 314 -4.52 7.45 27.01
CA THR A 314 -5.27 6.42 27.74
C THR A 314 -4.42 5.55 28.67
N ALA A 315 -3.09 5.64 28.55
CA ALA A 315 -2.20 4.83 29.38
C ALA A 315 -2.34 5.12 30.87
N GLN A 316 -2.21 4.09 31.69
CA GLN A 316 -2.30 4.24 33.14
C GLN A 316 -0.94 4.61 33.70
N GLN A 317 0.10 4.12 33.03
CA GLN A 317 1.48 4.41 33.43
C GLN A 317 2.39 4.33 32.22
N VAL A 318 3.47 5.11 32.23
CA VAL A 318 4.45 5.10 31.15
C VAL A 318 5.81 5.35 31.77
N GLU A 319 6.78 4.50 31.44
CA GLU A 319 8.14 4.67 31.94
C GLU A 319 9.14 4.65 30.80
N LEU A 320 10.16 5.50 30.91
CA LEU A 320 11.20 5.57 29.89
C LEU A 320 12.31 4.60 30.30
N VAL A 321 12.54 3.58 29.48
CA VAL A 321 13.58 2.61 29.79
C VAL A 321 14.82 2.89 28.96
N ILE A 322 15.94 3.12 29.65
CA ILE A 322 17.20 3.41 28.99
C ILE A 322 18.05 2.15 28.93
N TYR A 323 18.60 1.86 27.75
CA TYR A 323 19.43 0.68 27.56
C TYR A 323 20.85 1.01 27.13
N SER A 324 21.78 0.15 27.52
CA SER A 324 23.18 0.35 27.16
C SER A 324 23.34 -0.16 25.73
N ALA A 325 24.53 0.01 25.18
CA ALA A 325 24.81 -0.44 23.82
C ALA A 325 24.58 -1.96 23.70
N ASP A 326 24.84 -2.68 24.79
CA ASP A 326 24.66 -4.12 24.81
C ASP A 326 23.25 -4.53 25.21
N LYS A 327 22.36 -3.55 25.22
CA LYS A 327 20.95 -3.78 25.54
C LYS A 327 20.61 -4.23 26.96
N LYS A 328 21.33 -3.71 27.94
CA LYS A 328 21.06 -4.01 29.34
C LYS A 328 20.35 -2.77 29.90
N VAL A 329 19.36 -2.97 30.75
CA VAL A 329 18.64 -1.82 31.32
C VAL A 329 19.55 -0.99 32.22
N ILE A 330 19.72 0.28 31.88
CA ILE A 330 20.54 1.18 32.67
C ILE A 330 19.67 1.90 33.69
N ALA A 331 18.42 2.13 33.33
CA ALA A 331 17.48 2.81 34.21
C ALA A 331 16.06 2.79 33.64
N SER A 332 15.09 2.94 34.53
CA SER A 332 13.68 2.98 34.14
C SER A 332 13.09 4.19 34.87
N HIS A 333 12.75 5.23 34.13
CA HIS A 333 12.23 6.46 34.68
C HIS A 333 10.73 6.67 34.51
N PRO A 334 9.97 6.75 35.62
CA PRO A 334 8.53 6.97 35.41
C PRO A 334 8.38 8.37 34.76
N MET A 335 7.55 8.49 33.75
CA MET A 335 7.38 9.77 33.07
C MET A 335 6.31 10.64 33.72
N THR A 336 6.25 11.91 33.32
CA THR A 336 5.27 12.86 33.86
C THR A 336 4.15 13.12 32.86
N ARG A 337 2.91 12.87 33.29
CA ARG A 337 1.75 13.06 32.43
C ARG A 337 1.19 14.48 32.49
N ASP A 338 0.92 15.05 31.31
CA ASP A 338 0.33 16.37 31.20
C ASP A 338 -1.16 16.13 31.03
N SER A 339 -1.95 16.59 31.99
CA SER A 339 -3.40 16.38 31.98
C SER A 339 -4.16 16.97 30.81
N ALA A 340 -3.71 18.13 30.33
CA ALA A 340 -4.39 18.79 29.22
C ALA A 340 -4.21 18.08 27.88
N SER A 341 -2.99 17.59 27.63
CA SER A 341 -2.68 16.92 26.36
C SER A 341 -2.71 15.40 26.36
N GLY A 342 -2.45 14.80 27.51
CA GLY A 342 -2.42 13.35 27.56
C GLY A 342 -1.06 12.83 27.09
N ALA A 343 -0.10 13.75 26.97
CA ALA A 343 1.25 13.39 26.56
C ALA A 343 2.09 13.14 27.82
N TRP A 344 3.12 12.32 27.70
CA TRP A 344 4.02 12.01 28.82
C TRP A 344 5.41 12.49 28.45
N SER A 345 6.12 13.07 29.41
CA SER A 345 7.46 13.57 29.12
C SER A 345 8.46 13.27 30.22
N TRP A 346 9.74 13.43 29.87
CA TRP A 346 10.83 13.23 30.80
C TRP A 346 12.03 14.00 30.28
N GLN A 347 12.63 14.81 31.15
CA GLN A 347 13.75 15.65 30.78
C GLN A 347 15.04 15.17 31.46
N GLY A 348 16.11 15.03 30.68
CA GLY A 348 17.36 14.57 31.23
C GLY A 348 18.54 15.35 30.68
N GLY A 349 19.75 14.86 30.93
CA GLY A 349 20.94 15.55 30.47
C GLY A 349 21.38 15.16 29.06
N SER A 350 22.25 15.98 28.49
CA SER A 350 22.74 15.74 27.14
C SER A 350 23.61 14.48 27.04
N ASP A 351 23.90 13.86 28.19
CA ASP A 351 24.71 12.65 28.20
C ASP A 351 23.92 11.45 27.66
N LEU A 352 22.63 11.63 27.43
CA LEU A 352 21.80 10.56 26.91
C LEU A 352 21.88 10.43 25.39
N LYS A 353 22.64 11.31 24.76
CA LYS A 353 22.82 11.27 23.32
C LYS A 353 23.36 9.90 22.95
N GLY A 354 22.75 9.27 21.94
CA GLY A 354 23.20 7.97 21.50
C GLY A 354 22.64 6.78 22.27
N ALA A 355 21.95 7.04 23.38
CA ALA A 355 21.38 5.97 24.19
C ALA A 355 20.19 5.29 23.53
N PHE A 356 20.01 4.01 23.84
CA PHE A 356 18.89 3.25 23.30
C PHE A 356 17.75 3.31 24.32
N TYR A 357 16.51 3.31 23.83
CA TYR A 357 15.37 3.41 24.72
C TYR A 357 14.08 2.84 24.15
N ARG A 358 13.13 2.61 25.04
CA ARG A 358 11.79 2.14 24.70
C ARG A 358 10.86 2.68 25.77
N TYR A 359 9.57 2.70 25.48
CA TYR A 359 8.59 3.17 26.44
C TYR A 359 7.88 1.97 27.03
N ALA A 360 7.92 1.84 28.36
CA ALA A 360 7.26 0.73 29.05
C ALA A 360 5.83 1.20 29.30
N MET A 361 4.89 0.57 28.61
CA MET A 361 3.49 0.93 28.71
C MET A 361 2.65 0.04 29.63
N THR A 362 1.66 0.64 30.26
CA THR A 362 0.69 -0.05 31.10
C THR A 362 -0.58 0.58 30.52
N VAL A 363 -1.24 -0.13 29.63
CA VAL A 363 -2.43 0.41 28.99
C VAL A 363 -3.46 -0.63 28.56
N TYR A 364 -4.72 -0.23 28.67
CA TYR A 364 -5.82 -1.10 28.28
C TYR A 364 -5.90 -1.17 26.75
N HIS A 365 -5.96 -2.38 26.21
CA HIS A 365 -6.09 -2.56 24.77
C HIS A 365 -7.43 -3.24 24.51
N PRO A 366 -8.37 -2.52 23.86
CA PRO A 366 -9.71 -3.04 23.56
C PRO A 366 -9.77 -4.38 22.82
N GLN A 367 -8.76 -4.66 22.00
CA GLN A 367 -8.76 -5.92 21.25
C GLN A 367 -8.65 -7.14 22.16
N SER A 368 -7.84 -7.02 23.20
CA SER A 368 -7.64 -8.13 24.14
C SER A 368 -8.43 -7.93 25.43
N ARG A 369 -9.04 -6.75 25.58
CA ARG A 369 -9.81 -6.40 26.76
C ARG A 369 -8.96 -6.59 28.01
N LYS A 370 -7.69 -6.20 27.92
CA LYS A 370 -6.77 -6.36 29.03
C LYS A 370 -5.81 -5.19 29.19
N VAL A 371 -5.43 -4.90 30.42
CA VAL A 371 -4.48 -3.84 30.70
C VAL A 371 -3.13 -4.47 30.39
N GLU A 372 -2.63 -4.23 29.19
CA GLU A 372 -1.36 -4.78 28.75
C GLU A 372 -0.15 -4.09 29.36
N GLN A 373 0.96 -4.81 29.40
CA GLN A 373 2.22 -4.30 29.91
C GLN A 373 3.30 -4.71 28.92
N TYR A 374 3.85 -3.74 28.20
CA TYR A 374 4.89 -4.03 27.22
C TYR A 374 5.75 -2.83 26.88
N GLU A 375 6.93 -3.12 26.34
CA GLU A 375 7.87 -2.07 25.91
C GLU A 375 7.76 -1.86 24.41
N VAL A 376 7.65 -0.60 24.01
CA VAL A 376 7.50 -0.23 22.61
C VAL A 376 8.49 0.85 22.17
N THR A 377 8.90 0.79 20.91
CA THR A 377 9.82 1.79 20.36
C THR A 377 9.04 3.09 20.16
N ASP A 378 9.77 4.16 19.88
CA ASP A 378 9.18 5.50 19.70
C ASP A 378 8.63 5.68 18.29
N PRO A 379 7.34 6.03 18.17
CA PRO A 379 6.78 6.23 16.82
C PRO A 379 7.45 7.44 16.15
N TYR A 380 8.04 8.30 16.97
CA TYR A 380 8.77 9.47 16.49
C TYR A 380 10.27 9.17 16.50
N ALA A 381 10.62 7.89 16.49
CA ALA A 381 12.03 7.50 16.47
C ALA A 381 12.75 8.09 15.26
N HIS A 382 13.99 8.54 15.47
CA HIS A 382 14.78 9.10 14.38
C HIS A 382 16.06 8.29 14.16
N SER A 383 16.23 7.26 14.99
CA SER A 383 17.36 6.34 14.89
C SER A 383 16.96 5.03 15.57
N LEU A 384 17.53 3.92 15.13
CA LEU A 384 17.19 2.60 15.66
C LEU A 384 18.38 1.66 15.74
N SER A 385 18.21 0.59 16.52
CA SER A 385 19.22 -0.46 16.64
C SER A 385 18.88 -1.46 15.53
N THR A 386 19.67 -2.52 15.40
CA THR A 386 19.42 -3.51 14.36
C THR A 386 18.02 -4.12 14.41
N ASN A 387 17.37 -4.20 13.25
CA ASN A 387 16.03 -4.74 13.10
C ASN A 387 14.97 -3.96 13.87
N SER A 388 15.27 -2.71 14.21
CA SER A 388 14.33 -1.81 14.91
C SER A 388 13.86 -2.24 16.30
N GLU A 389 14.68 -3.00 17.03
CA GLU A 389 14.28 -3.47 18.36
C GLU A 389 14.23 -2.36 19.43
N TYR A 390 15.10 -1.36 19.28
CA TYR A 390 15.16 -0.25 20.23
C TYR A 390 15.30 1.05 19.46
N SER A 391 14.71 2.14 19.98
CA SER A 391 14.86 3.43 19.32
C SER A 391 16.13 4.03 19.93
N GLN A 392 16.64 5.10 19.32
CA GLN A 392 17.89 5.71 19.80
C GLN A 392 17.83 7.23 19.78
N VAL A 393 18.40 7.86 20.81
CA VAL A 393 18.42 9.32 20.91
C VAL A 393 19.44 9.85 19.91
N VAL A 394 18.99 10.74 19.03
CA VAL A 394 19.88 11.30 18.01
C VAL A 394 19.57 12.76 17.67
N ASP A 395 20.59 13.47 17.23
CA ASP A 395 20.45 14.87 16.78
C ASP A 395 20.87 14.85 15.31
N LEU A 396 19.88 14.86 14.43
CA LEU A 396 20.14 14.82 13.00
C LEU A 396 20.99 15.97 12.47
N ASN A 397 21.06 17.06 13.22
CA ASN A 397 21.86 18.23 12.83
C ASN A 397 23.36 18.00 13.02
N ASP A 398 23.71 16.95 13.74
CA ASP A 398 25.11 16.62 14.01
C ASP A 398 25.96 16.49 12.75
N SER A 399 27.10 17.17 12.74
CA SER A 399 27.99 17.14 11.59
C SER A 399 28.57 15.74 11.34
N ALA A 400 28.67 14.95 12.40
CA ALA A 400 29.20 13.60 12.29
C ALA A 400 28.26 12.67 11.50
N LEU A 401 27.00 13.08 11.36
CA LEU A 401 26.03 12.29 10.62
C LEU A 401 25.77 12.87 9.24
N LYS A 402 26.67 13.73 8.78
CA LYS A 402 26.53 14.36 7.48
C LYS A 402 27.76 14.19 6.60
N PRO A 403 27.57 14.03 5.28
CA PRO A 403 28.73 13.89 4.40
C PRO A 403 29.32 15.29 4.18
N GLU A 404 30.58 15.36 3.78
CA GLU A 404 31.23 16.64 3.56
C GLU A 404 30.45 17.53 2.59
N GLY A 405 30.18 18.76 3.00
CA GLY A 405 29.46 19.69 2.16
C GLY A 405 27.95 19.49 2.07
N TRP A 406 27.39 18.68 2.96
CA TRP A 406 25.96 18.41 2.97
C TRP A 406 25.07 19.64 3.07
N ASP A 407 25.34 20.49 4.05
CA ASP A 407 24.50 21.69 4.24
C ASP A 407 24.37 22.58 3.02
N GLY A 408 25.33 22.51 2.10
CA GLY A 408 25.27 23.35 0.91
C GLY A 408 24.69 22.65 -0.31
N LEU A 409 24.19 21.44 -0.13
CA LEU A 409 23.62 20.66 -1.23
C LEU A 409 22.45 21.38 -1.91
N THR A 410 22.59 21.62 -3.21
CA THR A 410 21.53 22.29 -3.95
C THR A 410 20.70 21.33 -4.79
N MET A 411 19.53 21.80 -5.19
CA MET A 411 18.60 21.02 -6.01
C MET A 411 18.97 21.26 -7.47
N PRO A 412 19.46 20.23 -8.18
CA PRO A 412 19.85 20.39 -9.58
C PRO A 412 18.75 20.82 -10.57
N HIS A 413 17.50 20.46 -10.29
CA HIS A 413 16.39 20.84 -11.17
C HIS A 413 15.37 21.72 -10.45
N ALA A 414 14.98 22.82 -11.07
CA ALA A 414 14.02 23.73 -10.49
C ALA A 414 12.61 23.14 -10.46
N GLN A 415 11.85 23.56 -9.45
CA GLN A 415 10.46 23.10 -9.26
C GLN A 415 9.62 24.28 -8.79
N LYS A 416 10.01 25.50 -9.18
CA LYS A 416 9.29 26.69 -8.74
C LYS A 416 8.01 27.01 -9.51
N THR A 417 8.11 27.16 -10.82
CA THR A 417 6.94 27.48 -11.63
C THR A 417 6.34 26.22 -12.24
N LYS A 418 5.16 26.35 -12.84
CA LYS A 418 4.55 25.18 -13.47
C LYS A 418 5.40 24.70 -14.64
N ALA A 419 6.03 25.64 -15.35
CA ALA A 419 6.90 25.26 -16.47
C ALA A 419 8.08 24.45 -15.94
N ASP A 420 8.56 24.81 -14.74
CA ASP A 420 9.67 24.09 -14.11
C ASP A 420 9.23 22.65 -13.82
N LEU A 421 8.09 22.55 -13.15
CA LEU A 421 7.54 21.25 -12.76
C LEU A 421 7.26 20.33 -13.94
N ALA A 422 6.75 20.90 -15.02
CA ALA A 422 6.41 20.12 -16.22
C ALA A 422 7.59 19.37 -16.81
N LYS A 423 8.79 19.88 -16.57
CA LYS A 423 9.99 19.23 -17.09
C LYS A 423 10.35 17.96 -16.35
N MET A 424 9.71 17.73 -15.20
CA MET A 424 9.96 16.54 -14.38
C MET A 424 9.85 15.25 -15.21
N THR A 425 10.92 14.45 -15.18
CA THR A 425 11.01 13.19 -15.91
C THR A 425 11.58 12.19 -14.88
N ILE A 426 10.69 11.34 -14.35
CA ILE A 426 11.02 10.40 -13.28
C ILE A 426 11.43 8.96 -13.63
N HIS A 427 12.44 8.47 -12.91
CA HIS A 427 12.97 7.11 -13.07
C HIS A 427 12.74 6.40 -11.72
N GLU A 428 11.69 5.60 -11.64
CA GLU A 428 11.33 4.89 -10.40
C GLU A 428 12.24 3.70 -10.14
N SER A 429 13.06 3.82 -9.09
CA SER A 429 14.05 2.80 -8.75
C SER A 429 13.95 2.15 -7.37
N HIS A 430 14.64 1.02 -7.19
CA HIS A 430 14.67 0.26 -5.94
C HIS A 430 16.13 -0.04 -5.60
N ILE A 431 16.51 0.12 -4.33
CA ILE A 431 17.90 -0.10 -3.91
C ILE A 431 18.54 -1.42 -4.36
N ARG A 432 17.83 -2.54 -4.22
CA ARG A 432 18.40 -3.81 -4.67
C ARG A 432 18.30 -3.99 -6.19
N ASP A 433 17.21 -3.55 -6.80
CA ASP A 433 17.07 -3.67 -8.26
C ASP A 433 18.24 -2.97 -8.96
N LEU A 434 18.72 -1.89 -8.37
CA LEU A 434 19.83 -1.15 -8.96
C LEU A 434 21.17 -1.85 -8.93
N SER A 435 21.58 -2.36 -7.78
CA SER A 435 22.91 -2.97 -7.69
C SER A 435 23.08 -4.43 -7.29
N ALA A 436 22.01 -5.15 -7.00
CA ALA A 436 22.16 -6.53 -6.58
C ALA A 436 22.89 -7.44 -7.57
N TRP A 437 22.76 -7.15 -8.86
CA TRP A 437 23.41 -7.97 -9.90
C TRP A 437 24.64 -7.37 -10.55
N ASP A 438 25.00 -6.14 -10.18
CA ASP A 438 26.14 -5.49 -10.82
C ASP A 438 27.49 -5.92 -10.25
N GLN A 439 28.21 -6.74 -11.00
CA GLN A 439 29.52 -7.20 -10.57
C GLN A 439 30.55 -6.06 -10.57
N THR A 440 30.25 -4.96 -11.25
CA THR A 440 31.18 -3.83 -11.29
C THR A 440 30.98 -2.90 -10.10
N VAL A 441 30.04 -3.25 -9.24
CA VAL A 441 29.79 -2.51 -8.00
C VAL A 441 30.52 -3.34 -6.94
N PRO A 442 31.30 -2.71 -6.06
CA PRO A 442 32.00 -3.48 -5.03
C PRO A 442 31.03 -4.41 -4.29
N ALA A 443 31.41 -5.67 -4.11
CA ALA A 443 30.57 -6.64 -3.44
C ALA A 443 29.89 -6.17 -2.15
N GLU A 444 30.63 -5.50 -1.28
CA GLU A 444 30.06 -5.04 -0.02
C GLU A 444 29.01 -3.94 -0.16
N LEU A 445 28.94 -3.31 -1.33
CA LEU A 445 27.97 -2.24 -1.55
C LEU A 445 26.76 -2.68 -2.39
N ARG A 446 26.73 -3.94 -2.82
CA ARG A 446 25.60 -4.40 -3.63
C ARG A 446 24.34 -4.44 -2.78
N GLY A 447 23.29 -3.79 -3.27
CA GLY A 447 22.04 -3.74 -2.53
C GLY A 447 22.06 -2.71 -1.42
N LYS A 448 23.01 -1.79 -1.47
CA LYS A 448 23.17 -0.76 -0.43
C LYS A 448 23.03 0.66 -0.99
N TYR A 449 22.70 1.60 -0.10
CA TYR A 449 22.57 3.01 -0.48
C TYR A 449 23.86 3.47 -1.15
N LEU A 450 24.99 3.06 -0.57
CA LEU A 450 26.29 3.46 -1.08
C LEU A 450 26.67 2.98 -2.49
N ALA A 451 25.90 2.08 -3.06
CA ALA A 451 26.20 1.63 -4.42
C ALA A 451 26.18 2.85 -5.35
N LEU A 452 25.32 3.82 -5.03
CA LEU A 452 25.20 5.03 -5.85
C LEU A 452 26.51 5.82 -5.94
N THR A 453 27.45 5.57 -5.04
CA THR A 453 28.72 6.29 -5.04
C THR A 453 29.83 5.60 -5.87
N ALA A 454 29.53 4.42 -6.41
CA ALA A 454 30.53 3.71 -7.21
C ALA A 454 30.49 4.23 -8.65
N GLN A 455 31.14 5.37 -8.88
CA GLN A 455 31.17 6.02 -10.19
C GLN A 455 31.69 5.17 -11.34
N GLU A 456 32.48 4.15 -11.02
CA GLU A 456 33.07 3.29 -12.04
C GLU A 456 32.15 2.16 -12.50
N SER A 457 31.11 1.88 -11.73
CA SER A 457 30.19 0.77 -12.06
C SER A 457 29.31 1.02 -13.27
N ASN A 458 28.85 -0.08 -13.87
CA ASN A 458 27.97 -0.04 -15.03
C ASN A 458 26.69 0.71 -14.68
N MET A 459 26.11 0.35 -13.54
CA MET A 459 24.87 0.97 -13.08
C MET A 459 24.96 2.49 -12.91
N VAL A 460 25.99 2.97 -12.20
CA VAL A 460 26.11 4.41 -12.01
C VAL A 460 26.38 5.15 -13.32
N GLN A 461 27.25 4.59 -14.16
CA GLN A 461 27.56 5.22 -15.44
C GLN A 461 26.29 5.26 -16.29
N HIS A 462 25.45 4.24 -16.17
CA HIS A 462 24.19 4.18 -16.91
C HIS A 462 23.27 5.32 -16.47
N LEU A 463 23.11 5.48 -15.15
CA LEU A 463 22.25 6.54 -14.62
C LEU A 463 22.79 7.93 -14.96
N LYS A 464 24.10 8.07 -14.97
CA LYS A 464 24.75 9.33 -15.30
C LYS A 464 24.40 9.73 -16.73
N GLN A 465 24.40 8.76 -17.63
CA GLN A 465 24.09 9.03 -19.02
C GLN A 465 22.60 9.36 -19.17
N LEU A 466 21.75 8.66 -18.43
CA LEU A 466 20.31 8.93 -18.50
C LEU A 466 20.07 10.38 -18.08
N SER A 467 20.75 10.80 -17.02
CA SER A 467 20.61 12.17 -16.53
C SER A 467 21.07 13.18 -17.58
N ALA A 468 22.21 12.92 -18.19
CA ALA A 468 22.75 13.81 -19.22
C ALA A 468 21.77 13.93 -20.39
N SER A 469 21.01 12.86 -20.63
CA SER A 469 20.06 12.80 -21.73
C SER A 469 18.66 13.35 -21.45
N GLY A 470 18.36 13.70 -20.20
CA GLY A 470 17.04 14.24 -19.93
C GLY A 470 16.22 13.67 -18.78
N VAL A 471 16.69 12.61 -18.12
CA VAL A 471 15.96 12.08 -16.98
C VAL A 471 16.32 13.06 -15.85
N THR A 472 15.32 13.60 -15.17
CA THR A 472 15.59 14.59 -14.14
C THR A 472 15.42 14.17 -12.68
N HIS A 473 14.59 13.17 -12.41
CA HIS A 473 14.35 12.75 -11.03
C HIS A 473 14.49 11.25 -10.81
N ILE A 474 15.02 10.88 -9.65
CA ILE A 474 15.12 9.48 -9.26
C ILE A 474 14.08 9.33 -8.15
N GLU A 475 13.14 8.40 -8.30
CA GLU A 475 12.13 8.18 -7.27
C GLU A 475 12.53 6.87 -6.60
N LEU A 476 12.61 6.87 -5.28
CA LEU A 476 13.02 5.68 -4.54
C LEU A 476 11.91 4.91 -3.87
N LEU A 477 11.80 3.62 -4.17
CA LEU A 477 10.82 2.78 -3.51
C LEU A 477 11.23 2.82 -2.04
N PRO A 478 10.32 2.50 -1.11
CA PRO A 478 10.53 2.52 0.34
C PRO A 478 11.94 2.46 0.91
N VAL A 479 12.42 3.60 1.41
CA VAL A 479 13.73 3.65 2.05
C VAL A 479 13.58 4.09 3.50
N PHE A 480 12.34 4.17 3.97
CA PHE A 480 12.06 4.47 5.38
C PHE A 480 12.16 3.08 6.01
N ASP A 481 11.99 2.95 7.33
CA ASP A 481 12.11 1.65 7.97
C ASP A 481 10.97 0.66 7.72
N LEU A 482 11.23 -0.31 6.84
CA LEU A 482 10.26 -1.34 6.50
C LEU A 482 10.45 -2.51 7.46
N ALA A 483 9.46 -3.39 7.56
CA ALA A 483 9.53 -4.50 8.49
C ALA A 483 9.78 -5.90 7.92
N THR A 484 9.58 -6.06 6.61
CA THR A 484 9.69 -7.37 5.96
C THR A 484 11.05 -7.92 5.50
N VAL A 485 12.13 -7.38 6.05
CA VAL A 485 13.48 -7.88 5.76
C VAL A 485 14.19 -7.89 7.11
N ASN A 486 14.77 -9.03 7.47
CA ASN A 486 15.47 -9.14 8.75
C ASN A 486 16.80 -8.41 8.63
N GLU A 487 17.04 -7.44 9.52
CA GLU A 487 18.29 -6.68 9.46
C GLU A 487 19.48 -7.39 10.13
N PHE A 488 19.22 -8.53 10.77
CA PHE A 488 20.31 -9.31 11.38
C PHE A 488 20.82 -10.20 10.24
N SER A 489 22.00 -9.85 9.70
CA SER A 489 22.59 -10.56 8.59
C SER A 489 22.72 -12.07 8.72
N ASP A 490 22.95 -12.57 9.93
CA ASP A 490 23.11 -14.00 10.13
C ASP A 490 21.80 -14.78 10.00
N LYS A 491 20.69 -14.06 9.87
CA LYS A 491 19.37 -14.68 9.74
C LYS A 491 18.88 -14.59 8.30
N VAL A 492 19.73 -14.05 7.43
CA VAL A 492 19.38 -13.87 6.03
C VAL A 492 20.28 -14.67 5.10
N ALA A 493 19.73 -15.09 3.97
CA ALA A 493 20.46 -15.83 2.97
C ALA A 493 20.01 -15.33 1.59
N ASP A 494 20.96 -14.93 0.75
CA ASP A 494 20.61 -14.45 -0.58
C ASP A 494 21.07 -15.43 -1.65
N ILE A 495 20.50 -15.34 -2.85
CA ILE A 495 20.83 -16.30 -3.89
C ILE A 495 22.30 -16.37 -4.33
N GLN A 496 23.07 -15.35 -4.01
CA GLN A 496 24.49 -15.36 -4.39
C GLN A 496 25.32 -16.20 -3.43
N GLN A 497 24.71 -16.60 -2.31
CA GLN A 497 25.40 -17.39 -1.30
C GLN A 497 25.10 -18.89 -1.42
N PRO A 498 25.89 -19.73 -0.73
CA PRO A 498 25.75 -21.20 -0.75
C PRO A 498 24.35 -21.71 -0.38
N PHE A 499 23.91 -22.77 -1.03
CA PHE A 499 22.61 -23.33 -0.72
C PHE A 499 22.64 -23.80 0.74
N SER A 500 23.83 -24.14 1.23
CA SER A 500 23.97 -24.59 2.62
C SER A 500 23.56 -23.49 3.59
N ARG A 501 23.84 -22.23 3.24
CA ARG A 501 23.45 -21.12 4.11
C ARG A 501 21.94 -21.00 4.13
N LEU A 502 21.31 -21.18 2.97
CA LEU A 502 19.85 -21.09 2.88
C LEU A 502 19.20 -22.10 3.81
N CYS A 503 19.73 -23.33 3.81
CA CYS A 503 19.18 -24.38 4.66
C CYS A 503 19.34 -24.09 6.15
N GLU A 504 20.43 -23.43 6.52
CA GLU A 504 20.66 -23.12 7.92
C GLU A 504 19.74 -22.02 8.47
N VAL A 505 19.31 -21.08 7.61
CA VAL A 505 18.44 -20.00 8.08
C VAL A 505 16.97 -20.20 7.72
N ASN A 506 16.69 -21.16 6.84
CA ASN A 506 15.31 -21.39 6.39
C ASN A 506 14.87 -22.85 6.57
N SER A 507 14.06 -23.10 7.61
CA SER A 507 13.59 -24.44 7.90
C SER A 507 12.59 -24.97 6.87
N ALA A 508 11.90 -24.08 6.17
CA ALA A 508 10.94 -24.50 5.15
C ALA A 508 11.67 -25.19 4.00
N VAL A 509 12.85 -24.68 3.67
CA VAL A 509 13.65 -25.28 2.59
C VAL A 509 14.18 -26.64 3.04
N LYS A 510 14.67 -26.70 4.27
CA LYS A 510 15.22 -27.94 4.81
C LYS A 510 14.21 -29.09 4.87
N SER A 511 12.93 -28.76 4.88
CA SER A 511 11.90 -29.81 4.91
C SER A 511 11.18 -29.91 3.57
N SER A 512 11.73 -29.27 2.55
CA SER A 512 11.12 -29.27 1.23
C SER A 512 11.72 -30.29 0.29
N GLU A 513 11.23 -30.30 -0.94
CA GLU A 513 11.71 -31.21 -1.98
C GLU A 513 13.11 -30.83 -2.45
N PHE A 514 13.57 -29.64 -2.05
CA PHE A 514 14.90 -29.16 -2.46
C PHE A 514 15.96 -29.42 -1.37
N ALA A 515 15.55 -30.10 -0.31
CA ALA A 515 16.46 -30.40 0.80
C ALA A 515 17.76 -31.07 0.35
N GLY A 516 17.68 -31.86 -0.72
CA GLY A 516 18.87 -32.54 -1.21
C GLY A 516 19.99 -31.61 -1.64
N TYR A 517 19.67 -30.35 -1.94
CA TYR A 517 20.68 -29.39 -2.36
C TYR A 517 21.43 -28.80 -1.17
N CYS A 518 20.92 -29.07 0.03
CA CYS A 518 21.54 -28.55 1.25
C CYS A 518 23.01 -28.91 1.42
N ASP A 519 23.40 -30.12 1.05
CA ASP A 519 24.81 -30.49 1.20
C ASP A 519 25.55 -30.52 -0.13
N SER A 520 25.05 -29.75 -1.10
CA SER A 520 25.72 -29.65 -2.40
C SER A 520 26.68 -28.49 -2.22
N GLY A 521 27.49 -28.21 -3.22
CA GLY A 521 28.42 -27.10 -3.11
C GLY A 521 28.02 -25.94 -4.01
N SER A 522 26.74 -25.92 -4.40
CA SER A 522 26.23 -24.89 -5.28
C SER A 522 25.62 -23.71 -4.53
N THR A 523 25.58 -22.55 -5.19
CA THR A 523 24.95 -21.38 -4.61
C THR A 523 23.48 -21.50 -5.03
N VAL A 524 22.60 -20.75 -4.39
CA VAL A 524 21.19 -20.81 -4.73
C VAL A 524 20.95 -20.39 -6.18
N GLU A 525 21.66 -19.36 -6.63
CA GLU A 525 21.53 -18.87 -8.00
C GLU A 525 21.93 -19.95 -9.01
N GLU A 526 22.93 -20.74 -8.68
CA GLU A 526 23.39 -21.80 -9.58
C GLU A 526 22.33 -22.89 -9.66
N VAL A 527 21.64 -23.15 -8.56
CA VAL A 527 20.60 -24.17 -8.55
C VAL A 527 19.45 -23.67 -9.42
N LEU A 528 19.01 -22.43 -9.18
CA LEU A 528 17.92 -21.85 -9.95
C LEU A 528 18.22 -21.86 -11.45
N THR A 529 19.46 -21.57 -11.81
CA THR A 529 19.86 -21.57 -13.21
C THR A 529 19.71 -22.95 -13.85
N GLN A 530 20.10 -24.01 -13.14
CA GLN A 530 19.97 -25.36 -13.71
C GLN A 530 18.52 -25.82 -13.77
N LEU A 531 17.66 -25.24 -12.94
CA LEU A 531 16.24 -25.61 -12.95
C LEU A 531 15.48 -25.04 -14.13
N LYS A 532 16.06 -24.03 -14.80
CA LYS A 532 15.40 -23.39 -15.93
C LYS A 532 15.03 -24.27 -17.13
N GLN A 533 15.95 -25.12 -17.57
CA GLN A 533 15.68 -25.95 -18.73
C GLN A 533 14.41 -26.81 -18.66
N ASN A 534 14.15 -27.39 -17.50
CA ASN A 534 12.99 -28.26 -17.31
C ASN A 534 11.78 -27.53 -16.69
N ASP A 535 11.87 -26.21 -16.58
CA ASP A 535 10.78 -25.40 -16.01
C ASP A 535 9.72 -25.09 -17.06
N SER A 536 8.45 -25.29 -16.70
CA SER A 536 7.36 -25.02 -17.63
C SER A 536 6.08 -24.84 -16.82
N LYS A 537 4.95 -24.65 -17.51
CA LYS A 537 3.69 -24.46 -16.81
C LYS A 537 3.31 -25.72 -16.04
N ASP A 538 3.81 -26.86 -16.50
CA ASP A 538 3.50 -28.14 -15.85
C ASP A 538 4.53 -28.49 -14.78
N ASN A 539 5.62 -27.72 -14.71
CA ASN A 539 6.66 -27.96 -13.73
C ASN A 539 7.35 -26.64 -13.40
N PRO A 540 6.63 -25.72 -12.73
CA PRO A 540 7.15 -24.40 -12.35
C PRO A 540 8.08 -24.51 -11.15
N GLN A 541 9.18 -25.23 -11.35
CA GLN A 541 10.15 -25.47 -10.30
C GLN A 541 11.03 -24.28 -9.91
N VAL A 542 11.20 -23.32 -10.82
CA VAL A 542 12.01 -22.15 -10.51
C VAL A 542 11.30 -21.30 -9.45
N GLN A 543 10.01 -21.02 -9.66
CA GLN A 543 9.26 -20.23 -8.69
C GLN A 543 9.01 -21.04 -7.43
N ALA A 544 8.96 -22.37 -7.55
CA ALA A 544 8.72 -23.22 -6.40
C ALA A 544 9.84 -23.02 -5.39
N LEU A 545 11.08 -23.03 -5.86
CA LEU A 545 12.22 -22.83 -4.96
C LEU A 545 12.30 -21.36 -4.54
N ASN A 546 12.11 -20.45 -5.49
CA ASN A 546 12.20 -19.04 -5.18
C ASN A 546 11.19 -18.57 -4.13
N THR A 547 10.01 -19.19 -4.11
CA THR A 547 9.01 -18.81 -3.12
C THR A 547 9.50 -19.06 -1.71
N LEU A 548 10.35 -20.08 -1.55
CA LEU A 548 10.91 -20.40 -0.24
C LEU A 548 12.05 -19.42 0.05
N VAL A 549 12.88 -19.16 -0.97
CA VAL A 549 13.99 -18.22 -0.83
C VAL A 549 13.49 -16.84 -0.38
N ALA A 550 12.34 -16.43 -0.90
CA ALA A 550 11.76 -15.13 -0.60
C ALA A 550 11.49 -14.85 0.88
N GLN A 551 11.31 -15.92 1.66
CA GLN A 551 11.01 -15.79 3.09
C GLN A 551 12.17 -15.32 3.95
N THR A 552 13.40 -15.59 3.51
CA THR A 552 14.58 -15.25 4.28
C THR A 552 15.67 -14.49 3.53
N ASP A 553 15.34 -13.87 2.41
CA ASP A 553 16.32 -13.11 1.65
C ASP A 553 16.30 -11.63 2.05
N SER A 554 17.08 -10.80 1.36
CA SER A 554 17.14 -9.37 1.66
C SER A 554 16.20 -8.56 0.79
N TYR A 555 15.31 -9.24 0.07
CA TYR A 555 14.42 -8.56 -0.87
C TYR A 555 12.95 -8.34 -0.54
N ASN A 556 12.51 -7.10 -0.80
CA ASN A 556 11.11 -6.69 -0.65
C ASN A 556 10.97 -5.24 -1.10
N TRP A 557 9.87 -4.91 -1.78
CA TRP A 557 9.65 -3.54 -2.21
C TRP A 557 9.65 -2.66 -0.97
N GLY A 558 9.10 -3.19 0.12
CA GLY A 558 9.07 -2.47 1.39
C GLY A 558 7.84 -1.64 1.74
N TYR A 559 6.69 -1.92 1.15
CA TYR A 559 5.48 -1.17 1.48
C TYR A 559 4.90 -1.74 2.80
N ASP A 560 5.76 -1.85 3.80
CA ASP A 560 5.43 -2.43 5.11
C ASP A 560 6.07 -1.56 6.20
N PRO A 561 5.46 -0.40 6.51
CA PRO A 561 5.96 0.54 7.52
C PRO A 561 6.14 0.05 8.95
N PHE A 562 7.37 0.19 9.46
CA PHE A 562 7.70 -0.19 10.83
C PHE A 562 7.86 1.15 11.59
N HIS A 563 8.70 2.03 11.04
CA HIS A 563 8.92 3.37 11.59
C HIS A 563 8.96 4.34 10.40
N TYR A 564 8.15 5.39 10.45
CA TYR A 564 8.03 6.35 9.36
C TYR A 564 9.14 7.35 9.13
N THR A 565 9.95 7.61 10.16
CA THR A 565 10.96 8.64 10.03
C THR A 565 12.39 8.23 10.35
N VAL A 566 12.73 7.00 9.97
CA VAL A 566 14.06 6.45 10.16
C VAL A 566 14.39 5.70 8.86
N PRO A 567 15.64 5.82 8.36
CA PRO A 567 15.98 5.11 7.12
C PRO A 567 15.99 3.60 7.34
N GLU A 568 15.77 2.83 6.27
CA GLU A 568 15.78 1.37 6.34
C GLU A 568 17.18 0.89 6.74
N GLY A 569 17.24 -0.11 7.61
CA GLY A 569 18.54 -0.61 8.07
C GLY A 569 19.28 -1.60 7.18
N SER A 570 18.55 -2.44 6.46
CA SER A 570 19.19 -3.43 5.60
C SER A 570 19.93 -2.85 4.40
N TYR A 571 19.63 -1.60 4.04
CA TYR A 571 20.30 -0.96 2.92
C TYR A 571 21.60 -0.26 3.36
N ALA A 572 21.89 -0.30 4.65
CA ALA A 572 23.11 0.32 5.18
C ALA A 572 24.15 -0.76 5.39
N THR A 573 25.43 -0.42 5.33
CA THR A 573 26.47 -1.42 5.54
C THR A 573 26.44 -1.88 7.01
N ASP A 574 25.98 -1.00 7.90
CA ASP A 574 25.89 -1.31 9.33
C ASP A 574 24.57 -0.78 9.89
N PRO A 575 23.61 -1.70 10.15
CA PRO A 575 22.28 -1.41 10.67
C PRO A 575 22.17 -1.08 12.16
N GLU A 576 23.28 -1.13 12.88
CA GLU A 576 23.27 -0.85 14.31
C GLU A 576 23.52 0.62 14.62
N GLY A 577 22.48 1.34 15.05
CA GLY A 577 22.66 2.73 15.40
C GLY A 577 22.54 3.79 14.31
N THR A 578 23.28 4.87 14.49
CA THR A 578 23.24 6.01 13.59
C THR A 578 23.93 5.91 12.23
N ALA A 579 24.77 4.88 12.03
CA ALA A 579 25.49 4.73 10.77
C ALA A 579 24.64 4.90 9.51
N ARG A 580 23.46 4.29 9.49
CA ARG A 580 22.59 4.36 8.32
C ARG A 580 22.19 5.78 7.93
N ILE A 581 22.16 6.69 8.90
CA ILE A 581 21.78 8.08 8.63
C ILE A 581 22.79 8.78 7.71
N LYS A 582 24.08 8.65 8.03
CA LYS A 582 25.10 9.29 7.20
C LYS A 582 25.16 8.62 5.82
N GLU A 583 25.02 7.31 5.77
CA GLU A 583 25.07 6.59 4.50
C GLU A 583 23.91 6.98 3.58
N PHE A 584 22.73 7.20 4.16
CA PHE A 584 21.55 7.59 3.39
C PHE A 584 21.82 8.98 2.79
N ARG A 585 22.36 9.87 3.59
CA ARG A 585 22.66 11.22 3.12
C ARG A 585 23.75 11.22 2.05
N THR A 586 24.71 10.30 2.16
CA THR A 586 25.78 10.23 1.17
C THR A 586 25.18 9.84 -0.18
N MET A 587 24.20 8.95 -0.16
CA MET A 587 23.52 8.53 -1.37
C MET A 587 22.78 9.71 -2.00
N ILE A 588 22.00 10.42 -1.18
CA ILE A 588 21.23 11.58 -1.64
C ILE A 588 22.15 12.60 -2.29
N GLN A 589 23.27 12.87 -1.64
CA GLN A 589 24.24 13.84 -2.16
C GLN A 589 24.79 13.35 -3.50
N ALA A 590 25.08 12.06 -3.61
CA ALA A 590 25.62 11.50 -4.84
C ALA A 590 24.64 11.68 -5.99
N ILE A 591 23.36 11.43 -5.74
CA ILE A 591 22.34 11.56 -6.78
C ILE A 591 22.19 12.99 -7.28
N LYS A 592 22.08 13.96 -6.37
CA LYS A 592 21.92 15.36 -6.75
C LYS A 592 23.19 16.00 -7.29
N GLN A 593 24.27 15.85 -6.55
CA GLN A 593 25.56 16.45 -6.92
C GLN A 593 26.33 15.75 -8.04
N ASP A 594 26.48 14.44 -7.95
CA ASP A 594 27.24 13.71 -8.96
C ASP A 594 26.44 13.20 -10.17
N LEU A 595 25.17 12.88 -9.97
CA LEU A 595 24.34 12.38 -11.06
C LEU A 595 23.48 13.50 -11.64
N GLY A 596 23.32 14.58 -10.88
CA GLY A 596 22.55 15.73 -11.32
C GLY A 596 21.05 15.56 -11.38
N MET A 597 20.49 14.70 -10.52
CA MET A 597 19.05 14.48 -10.51
C MET A 597 18.41 14.78 -9.15
N ASN A 598 17.15 15.24 -9.17
CA ASN A 598 16.44 15.50 -7.94
C ASN A 598 15.99 14.16 -7.37
N VAL A 599 15.56 14.14 -6.11
CA VAL A 599 15.13 12.90 -5.47
C VAL A 599 13.70 12.94 -4.91
N ILE A 600 12.92 11.92 -5.25
CA ILE A 600 11.55 11.79 -4.77
C ILE A 600 11.50 10.54 -3.89
N MET A 601 10.80 10.63 -2.76
CA MET A 601 10.66 9.50 -1.85
C MET A 601 9.23 8.96 -1.85
N ASP A 602 9.10 7.64 -1.95
CA ASP A 602 7.81 6.97 -1.89
C ASP A 602 7.49 6.86 -0.39
N VAL A 603 6.31 7.32 0.02
CA VAL A 603 5.90 7.25 1.42
C VAL A 603 4.59 6.46 1.52
N VAL A 604 4.44 5.73 2.62
CA VAL A 604 3.30 4.86 2.85
C VAL A 604 2.58 5.09 4.19
N TYR A 605 1.98 6.27 4.34
CA TYR A 605 1.29 6.63 5.56
C TYR A 605 -0.13 6.07 5.63
N ASN A 606 -0.59 5.46 4.54
CA ASN A 606 -1.94 4.92 4.49
C ASN A 606 -2.19 3.66 5.32
N HIS A 607 -1.13 3.02 5.83
CA HIS A 607 -1.29 1.82 6.64
C HIS A 607 -0.01 1.51 7.41
N THR A 608 -0.12 0.64 8.42
CA THR A 608 1.01 0.21 9.22
C THR A 608 1.22 -1.27 8.92
N ASN A 609 2.37 -1.81 9.26
CA ASN A 609 2.64 -3.22 8.99
C ASN A 609 1.78 -4.16 9.84
N ALA A 610 1.42 -3.70 11.04
CA ALA A 610 0.60 -4.51 11.93
C ALA A 610 -0.03 -3.66 13.03
N ALA A 611 -1.02 -4.25 13.70
CA ALA A 611 -1.71 -3.59 14.81
C ALA A 611 -1.89 -4.62 15.91
N GLY A 612 -2.61 -4.27 16.97
CA GLY A 612 -2.82 -5.22 18.05
C GLY A 612 -1.77 -5.12 19.15
N PRO A 613 -2.01 -5.80 20.28
CA PRO A 613 -1.07 -5.77 21.42
C PRO A 613 0.04 -6.81 21.44
N THR A 614 0.12 -7.67 20.41
CA THR A 614 1.15 -8.71 20.42
C THR A 614 2.17 -8.72 19.30
N ASP A 615 1.80 -8.30 18.09
CA ASP A 615 2.74 -8.34 16.98
C ASP A 615 3.99 -7.48 17.20
N ARG A 616 5.14 -8.06 16.85
CA ARG A 616 6.45 -7.42 16.98
C ARG A 616 6.51 -6.04 16.31
N THR A 617 5.84 -5.91 15.17
CA THR A 617 5.88 -4.66 14.42
C THR A 617 4.75 -3.67 14.70
N SER A 618 3.88 -4.01 15.65
CA SER A 618 2.78 -3.11 16.02
C SER A 618 3.36 -2.09 17.00
N VAL A 619 3.46 -0.83 16.56
CA VAL A 619 4.00 0.24 17.39
C VAL A 619 2.91 1.21 17.83
N LEU A 620 2.35 1.92 16.86
CA LEU A 620 1.29 2.89 17.13
C LEU A 620 0.07 2.30 17.84
N ASP A 621 -0.38 1.12 17.42
CA ASP A 621 -1.59 0.55 18.04
C ASP A 621 -1.35 -0.05 19.43
N LYS A 622 -0.08 -0.08 19.85
CA LYS A 622 0.25 -0.56 21.18
C LYS A 622 0.26 0.61 22.16
N ILE A 623 0.71 1.77 21.69
CA ILE A 623 0.80 2.97 22.54
C ILE A 623 -0.54 3.66 22.76
N VAL A 624 -1.32 3.81 21.68
CA VAL A 624 -2.64 4.43 21.79
C VAL A 624 -3.58 3.51 21.02
N PRO A 625 -3.99 2.40 21.64
CA PRO A 625 -4.90 1.41 21.03
C PRO A 625 -6.16 1.99 20.41
N TRP A 626 -6.49 1.49 19.23
CA TRP A 626 -7.68 1.89 18.49
C TRP A 626 -7.77 3.34 18.02
N TYR A 627 -6.66 4.07 18.07
CA TYR A 627 -6.67 5.45 17.62
C TYR A 627 -6.01 5.69 16.25
N TYR A 628 -4.83 5.13 16.03
CA TYR A 628 -4.12 5.34 14.78
C TYR A 628 -4.59 4.48 13.59
N GLN A 629 -5.46 3.51 13.86
CA GLN A 629 -5.97 2.62 12.80
C GLN A 629 -7.44 2.90 12.50
N ARG A 630 -7.85 2.70 11.24
CA ARG A 630 -9.26 2.87 10.87
C ARG A 630 -9.94 1.55 11.19
N LEU A 631 -11.05 1.60 11.91
CA LEU A 631 -11.76 0.39 12.32
C LEU A 631 -13.14 0.24 11.71
N ASN A 632 -13.61 -1.00 11.66
CA ASN A 632 -14.95 -1.30 11.15
C ASN A 632 -15.90 -0.72 12.19
N GLU A 633 -16.92 -0.01 11.73
CA GLU A 633 -17.90 0.63 12.60
C GLU A 633 -18.62 -0.28 13.58
N THR A 634 -18.78 -1.55 13.20
CA THR A 634 -19.49 -2.50 14.04
C THR A 634 -18.64 -3.44 14.90
N THR A 635 -17.60 -4.02 14.31
CA THR A 635 -16.75 -4.97 15.02
C THR A 635 -15.51 -4.41 15.72
N GLY A 636 -15.06 -3.23 15.30
CA GLY A 636 -13.88 -2.65 15.91
C GLY A 636 -12.59 -3.24 15.35
N SER A 637 -12.73 -4.15 14.37
CA SER A 637 -11.56 -4.76 13.76
C SER A 637 -10.83 -3.77 12.85
N VAL A 638 -9.51 -3.84 12.85
CA VAL A 638 -8.71 -2.96 12.00
C VAL A 638 -8.95 -3.33 10.54
N GLU A 639 -9.34 -2.35 9.73
CA GLU A 639 -9.61 -2.60 8.33
C GLU A 639 -8.34 -2.91 7.53
N SER A 640 -8.50 -3.60 6.41
CA SER A 640 -7.35 -3.98 5.59
C SER A 640 -7.55 -3.73 4.11
N ALA A 641 -8.27 -2.67 3.77
CA ALA A 641 -8.52 -2.35 2.37
C ALA A 641 -7.24 -1.98 1.61
N THR A 642 -6.25 -1.50 2.34
CA THR A 642 -4.98 -1.11 1.73
C THR A 642 -4.13 -2.33 1.40
N CYS A 643 -4.36 -3.41 2.15
CA CYS A 643 -3.62 -4.67 2.02
C CYS A 643 -3.36 -5.19 3.40
N CYS A 644 -3.04 -4.24 4.26
CA CYS A 644 -2.58 -4.53 5.59
C CYS A 644 -3.38 -3.95 6.76
N SER A 645 -2.75 -3.10 7.59
CA SER A 645 -3.46 -2.49 8.73
C SER A 645 -3.74 -1.02 8.42
N ASP A 646 -4.92 -0.76 7.87
CA ASP A 646 -5.32 0.60 7.47
C ASP A 646 -5.17 1.64 8.59
N SER A 647 -4.56 2.77 8.25
CA SER A 647 -4.35 3.85 9.22
C SER A 647 -5.49 4.86 9.15
N ALA A 648 -5.52 5.81 10.08
CA ALA A 648 -6.58 6.82 10.09
C ALA A 648 -6.05 8.26 10.02
N PRO A 649 -5.67 8.72 8.81
CA PRO A 649 -5.15 10.06 8.58
C PRO A 649 -6.16 11.14 8.94
N GLU A 650 -7.43 10.74 9.06
CA GLU A 650 -8.49 11.68 9.41
C GLU A 650 -8.46 12.02 10.90
N HIS A 651 -7.67 11.28 11.67
CA HIS A 651 -7.54 11.56 13.11
C HIS A 651 -6.41 12.58 13.29
N ARG A 652 -6.70 13.64 14.05
CA ARG A 652 -5.76 14.74 14.26
C ARG A 652 -4.30 14.44 14.61
N MET A 653 -4.06 13.53 15.55
CA MET A 653 -2.68 13.24 15.94
C MET A 653 -1.91 12.38 14.94
N PHE A 654 -2.62 11.68 14.05
CA PHE A 654 -1.89 10.91 13.04
C PHE A 654 -1.55 11.90 11.92
N ALA A 655 -2.46 12.83 11.64
CA ALA A 655 -2.21 13.84 10.62
C ALA A 655 -0.96 14.63 11.06
N LYS A 656 -0.85 14.88 12.36
CA LYS A 656 0.31 15.61 12.88
C LYS A 656 1.56 14.76 12.73
N LEU A 657 1.46 13.45 13.01
CA LEU A 657 2.62 12.57 12.88
C LEU A 657 3.11 12.58 11.44
N ILE A 658 2.17 12.52 10.49
CA ILE A 658 2.53 12.52 9.07
C ILE A 658 3.25 13.82 8.68
N ALA A 659 2.69 14.95 9.06
CA ALA A 659 3.30 16.23 8.73
C ALA A 659 4.66 16.40 9.41
N ASP A 660 4.79 15.96 10.66
CA ASP A 660 6.06 16.06 11.37
C ASP A 660 7.12 15.17 10.71
N SER A 661 6.67 14.02 10.23
CA SER A 661 7.56 13.06 9.57
C SER A 661 8.06 13.64 8.24
N LEU A 662 7.14 14.16 7.42
CA LEU A 662 7.52 14.76 6.14
C LEU A 662 8.49 15.92 6.35
N ALA A 663 8.34 16.64 7.46
CA ALA A 663 9.21 17.77 7.76
C ALA A 663 10.67 17.33 7.92
N VAL A 664 10.87 16.19 8.57
CA VAL A 664 12.22 15.66 8.77
C VAL A 664 12.84 15.23 7.46
N TRP A 665 12.09 14.47 6.66
CA TRP A 665 12.62 14.02 5.37
C TRP A 665 12.97 15.23 4.50
N THR A 666 12.15 16.28 4.56
CA THR A 666 12.37 17.48 3.77
C THR A 666 13.60 18.26 4.24
N THR A 667 13.59 18.65 5.51
CA THR A 667 14.68 19.44 6.08
C THR A 667 15.98 18.70 6.35
N ASP A 668 15.91 17.58 7.07
CA ASP A 668 17.09 16.82 7.43
C ASP A 668 17.66 15.91 6.34
N TYR A 669 16.82 15.49 5.40
CA TYR A 669 17.29 14.59 4.34
C TYR A 669 17.26 15.21 2.94
N LYS A 670 16.79 16.44 2.85
CA LYS A 670 16.71 17.19 1.60
C LYS A 670 15.98 16.52 0.45
N ILE A 671 14.85 15.88 0.74
CA ILE A 671 14.06 15.22 -0.30
C ILE A 671 13.35 16.32 -1.09
N ASP A 672 13.31 16.20 -2.43
CA ASP A 672 12.68 17.21 -3.28
C ASP A 672 11.19 17.03 -3.54
N GLY A 673 10.70 15.81 -3.37
CA GLY A 673 9.29 15.55 -3.60
C GLY A 673 8.86 14.25 -2.98
N PHE A 674 7.54 14.07 -2.85
CA PHE A 674 7.00 12.86 -2.24
C PHE A 674 5.88 12.24 -3.05
N ARG A 675 5.92 10.92 -3.19
CA ARG A 675 4.89 10.18 -3.89
C ARG A 675 4.10 9.44 -2.82
N PHE A 676 2.85 9.84 -2.62
CA PHE A 676 2.01 9.21 -1.60
C PHE A 676 1.35 7.93 -2.08
N ASP A 677 1.75 6.82 -1.48
CA ASP A 677 1.19 5.51 -1.77
C ASP A 677 -0.27 5.58 -1.35
N LEU A 678 -1.17 5.07 -2.19
CA LEU A 678 -2.60 5.08 -1.90
C LEU A 678 -3.06 6.36 -1.21
N MET A 679 -2.76 7.48 -1.87
CA MET A 679 -3.10 8.80 -1.37
C MET A 679 -4.62 8.93 -1.21
N LEU A 680 -5.37 8.20 -2.02
CA LEU A 680 -6.83 8.22 -1.98
C LEU A 680 -7.43 7.81 -0.62
N TYR A 681 -6.64 7.14 0.21
CA TYR A 681 -7.13 6.75 1.54
C TYR A 681 -6.93 7.87 2.55
N HIS A 682 -6.38 8.99 2.10
CA HIS A 682 -6.17 10.16 2.95
C HIS A 682 -7.23 11.22 2.60
N PRO A 683 -7.63 12.04 3.58
CA PRO A 683 -8.62 13.08 3.29
C PRO A 683 -7.94 14.15 2.44
N LYS A 684 -8.68 14.74 1.51
CA LYS A 684 -8.12 15.80 0.67
C LYS A 684 -7.59 16.92 1.56
N ALA A 685 -8.34 17.25 2.60
CA ALA A 685 -7.97 18.33 3.51
C ALA A 685 -6.65 18.07 4.25
N GLN A 686 -6.39 16.81 4.59
CA GLN A 686 -5.18 16.45 5.31
C GLN A 686 -3.95 16.57 4.41
N ILE A 687 -4.06 16.11 3.17
CA ILE A 687 -2.93 16.21 2.23
C ILE A 687 -2.60 17.67 1.97
N LEU A 688 -3.62 18.49 1.77
CA LEU A 688 -3.42 19.92 1.52
C LEU A 688 -2.82 20.64 2.73
N SER A 689 -3.25 20.26 3.93
CA SER A 689 -2.72 20.89 5.14
C SER A 689 -1.25 20.52 5.31
N ALA A 690 -0.91 19.27 5.01
CA ALA A 690 0.48 18.80 5.09
C ALA A 690 1.33 19.58 4.09
N TRP A 691 0.79 19.80 2.89
CA TRP A 691 1.52 20.52 1.86
C TRP A 691 1.77 21.96 2.29
N GLU A 692 0.80 22.57 2.97
CA GLU A 692 0.93 23.94 3.45
C GLU A 692 2.06 24.03 4.47
N ARG A 693 2.12 23.03 5.35
CA ARG A 693 3.16 22.98 6.39
C ARG A 693 4.54 22.78 5.81
N ILE A 694 4.66 21.89 4.82
CA ILE A 694 5.95 21.64 4.21
C ILE A 694 6.43 22.77 3.30
N LYS A 695 5.49 23.46 2.67
CA LYS A 695 5.88 24.57 1.79
C LYS A 695 6.55 25.68 2.59
N ALA A 696 6.27 25.73 3.90
CA ALA A 696 6.88 26.73 4.75
C ALA A 696 8.36 26.39 4.96
N LEU A 697 8.70 25.11 4.80
CA LEU A 697 10.08 24.64 4.95
C LEU A 697 10.81 24.66 3.61
N ASN A 698 10.12 24.21 2.56
CA ASN A 698 10.66 24.19 1.20
C ASN A 698 9.49 24.60 0.31
N PRO A 699 9.47 25.87 -0.12
CA PRO A 699 8.38 26.37 -0.97
C PRO A 699 8.21 25.70 -2.32
N ASP A 700 9.21 24.92 -2.74
CA ASP A 700 9.16 24.26 -4.04
C ASP A 700 8.94 22.75 -3.98
N ILE A 701 8.56 22.24 -2.81
CA ILE A 701 8.32 20.81 -2.65
C ILE A 701 7.13 20.40 -3.53
N TYR A 702 7.18 19.19 -4.07
CA TYR A 702 6.10 18.68 -4.92
C TYR A 702 5.49 17.43 -4.32
N PHE A 703 4.15 17.39 -4.30
CA PHE A 703 3.39 16.26 -3.76
C PHE A 703 2.55 15.64 -4.89
N PHE A 704 2.52 14.32 -4.94
CA PHE A 704 1.70 13.62 -5.92
C PHE A 704 1.49 12.19 -5.42
N GLY A 705 0.54 11.46 -5.99
CA GLY A 705 0.33 10.09 -5.55
C GLY A 705 -0.81 9.37 -6.25
N GLU A 706 -1.16 8.18 -5.75
CA GLU A 706 -2.25 7.40 -6.32
C GLU A 706 -3.57 7.98 -5.85
N GLY A 707 -4.33 8.57 -6.78
CA GLY A 707 -5.61 9.14 -6.44
C GLY A 707 -6.78 8.35 -7.03
N TRP A 708 -6.79 7.04 -6.79
CA TRP A 708 -7.87 6.19 -7.31
C TRP A 708 -9.07 6.37 -6.36
N ASP A 709 -10.02 5.43 -6.39
CA ASP A 709 -11.18 5.51 -5.50
C ASP A 709 -10.94 4.55 -4.33
N SER A 710 -10.88 5.10 -3.12
CA SER A 710 -10.62 4.31 -1.92
C SER A 710 -11.88 3.84 -1.22
N ASN A 711 -13.03 4.32 -1.69
CA ASN A 711 -14.32 3.97 -1.08
C ASN A 711 -14.47 4.53 0.33
N GLN A 712 -13.71 5.57 0.64
CA GLN A 712 -13.79 6.20 1.96
C GLN A 712 -14.58 7.51 1.89
N SER A 713 -15.21 7.76 0.75
CA SER A 713 -15.99 8.99 0.56
C SER A 713 -17.10 9.18 1.59
N ASP A 714 -17.55 8.10 2.20
CA ASP A 714 -18.61 8.18 3.20
C ASP A 714 -18.09 8.80 4.50
N ARG A 715 -16.78 8.71 4.72
CA ARG A 715 -16.15 9.26 5.92
C ARG A 715 -15.58 10.67 5.76
N PHE A 716 -15.14 11.01 4.54
CA PHE A 716 -14.55 12.32 4.26
C PHE A 716 -14.26 12.47 2.78
N GLU A 717 -14.02 13.70 2.33
CA GLU A 717 -13.70 13.93 0.91
C GLU A 717 -12.28 13.41 0.68
N ILE A 718 -12.16 12.41 -0.19
CA ILE A 718 -10.86 11.79 -0.46
C ILE A 718 -9.94 12.55 -1.40
N ALA A 719 -8.64 12.26 -1.30
CA ALA A 719 -7.64 12.88 -2.14
C ALA A 719 -7.53 12.07 -3.44
N SER A 720 -8.53 12.23 -4.32
CA SER A 720 -8.57 11.52 -5.59
C SER A 720 -8.29 12.43 -6.79
N GLN A 721 -8.12 11.82 -7.96
CA GLN A 721 -7.87 12.55 -9.19
C GLN A 721 -8.90 13.67 -9.38
N ILE A 722 -10.18 13.33 -9.24
CA ILE A 722 -11.25 14.30 -9.42
C ILE A 722 -11.24 15.43 -8.40
N ASN A 723 -11.16 15.08 -7.11
CA ASN A 723 -11.19 16.07 -6.05
C ASN A 723 -9.98 16.99 -5.95
N LEU A 724 -8.84 16.56 -6.48
CA LEU A 724 -7.63 17.39 -6.39
C LEU A 724 -7.45 18.39 -7.54
N LYS A 725 -8.44 18.46 -8.43
CA LYS A 725 -8.37 19.38 -9.57
C LYS A 725 -8.11 20.82 -9.14
N GLY A 726 -7.08 21.44 -9.73
CA GLY A 726 -6.76 22.81 -9.42
C GLY A 726 -6.00 23.05 -8.13
N THR A 727 -5.71 21.99 -7.37
CA THR A 727 -5.00 22.13 -6.09
C THR A 727 -3.48 22.20 -6.20
N GLY A 728 -2.94 21.68 -7.30
CA GLY A 728 -1.51 21.66 -7.45
C GLY A 728 -0.93 20.33 -7.01
N ILE A 729 -1.76 19.45 -6.47
CA ILE A 729 -1.33 18.12 -6.03
C ILE A 729 -1.45 17.18 -7.23
N GLY A 730 -0.36 16.49 -7.58
CA GLY A 730 -0.41 15.60 -8.73
C GLY A 730 -0.98 14.20 -8.48
N THR A 731 -1.42 13.54 -9.54
CA THR A 731 -1.93 12.17 -9.46
C THR A 731 -1.56 11.38 -10.72
N PHE A 732 -1.25 10.10 -10.54
CA PHE A 732 -0.93 9.24 -11.66
C PHE A 732 -2.20 9.16 -12.50
N SER A 733 -2.07 9.24 -13.81
CA SER A 733 -3.22 9.12 -14.68
C SER A 733 -3.25 7.72 -15.29
N ASP A 734 -4.38 7.04 -15.17
CA ASP A 734 -4.51 5.70 -15.72
C ASP A 734 -5.11 5.71 -17.12
N ARG A 735 -5.44 6.91 -17.61
CA ARG A 735 -6.03 7.07 -18.94
C ARG A 735 -5.07 6.72 -20.09
N LEU A 736 -4.02 7.50 -20.26
CA LEU A 736 -3.06 7.23 -21.33
C LEU A 736 -2.37 5.88 -21.07
N ARG A 737 -2.11 5.58 -19.80
CA ARG A 737 -1.47 4.33 -19.40
C ARG A 737 -2.16 3.12 -20.03
N ASP A 738 -3.46 2.99 -19.80
CA ASP A 738 -4.24 1.87 -20.32
C ASP A 738 -4.45 1.93 -21.83
N ALA A 739 -4.59 3.12 -22.38
CA ALA A 739 -4.80 3.27 -23.82
C ALA A 739 -3.58 2.79 -24.62
N VAL A 740 -2.39 3.06 -24.09
CA VAL A 740 -1.14 2.69 -24.77
C VAL A 740 -0.70 1.26 -24.47
N ARG A 741 -0.78 0.85 -23.20
CA ARG A 741 -0.40 -0.51 -22.80
C ARG A 741 -1.43 -1.51 -23.31
N GLY A 742 -2.70 -1.11 -23.24
CA GLY A 742 -3.79 -1.97 -23.64
C GLY A 742 -4.40 -2.65 -22.42
N GLY A 743 -5.71 -2.88 -22.44
CA GLY A 743 -6.37 -3.53 -21.31
C GLY A 743 -6.32 -2.80 -19.98
N GLY A 744 -6.32 -3.56 -18.90
CA GLY A 744 -6.28 -2.99 -17.56
C GLY A 744 -5.48 -3.86 -16.60
N PRO A 745 -5.17 -3.35 -15.40
CA PRO A 745 -4.40 -4.11 -14.41
C PRO A 745 -5.07 -5.36 -13.83
N PHE A 746 -6.36 -5.54 -14.11
CA PHE A 746 -7.07 -6.70 -13.57
C PHE A 746 -7.30 -7.81 -14.58
N ASP A 747 -6.74 -7.67 -15.78
CA ASP A 747 -6.90 -8.69 -16.83
C ASP A 747 -6.16 -9.97 -16.46
N SER A 748 -6.73 -11.11 -16.86
CA SER A 748 -6.11 -12.40 -16.61
C SER A 748 -6.46 -13.32 -17.77
N GLY A 749 -5.66 -14.37 -17.96
CA GLY A 749 -5.92 -15.29 -19.05
C GLY A 749 -5.80 -14.67 -20.44
N ASP A 750 -6.65 -15.13 -21.35
CA ASP A 750 -6.62 -14.64 -22.72
C ASP A 750 -6.84 -13.14 -22.85
N ALA A 751 -7.45 -12.53 -21.85
CA ALA A 751 -7.69 -11.08 -21.88
C ALA A 751 -6.37 -10.33 -21.99
N LEU A 752 -5.32 -10.90 -21.40
CA LEU A 752 -4.00 -10.27 -21.45
C LEU A 752 -3.50 -10.12 -22.88
N ARG A 753 -3.90 -11.05 -23.75
CA ARG A 753 -3.47 -10.97 -25.15
C ARG A 753 -4.51 -10.26 -26.02
N GLN A 754 -5.79 -10.47 -25.71
CA GLN A 754 -6.86 -9.84 -26.49
C GLN A 754 -6.83 -8.32 -26.43
N ASN A 755 -6.55 -7.78 -25.26
CA ASN A 755 -6.56 -6.33 -25.07
C ASN A 755 -5.30 -5.58 -25.49
N GLN A 756 -5.13 -5.45 -26.81
CA GLN A 756 -3.98 -4.74 -27.37
C GLN A 756 -4.10 -3.24 -27.14
N GLY A 757 -2.96 -2.55 -27.10
CA GLY A 757 -2.97 -1.11 -26.91
C GLY A 757 -2.42 -0.38 -28.13
N VAL A 758 -2.47 0.95 -28.10
CA VAL A 758 -1.96 1.73 -29.21
C VAL A 758 -0.49 1.36 -29.43
N GLY A 759 0.23 1.15 -28.34
CA GLY A 759 1.63 0.80 -28.43
C GLY A 759 1.91 -0.60 -28.97
N SER A 760 0.88 -1.46 -28.97
CA SER A 760 1.05 -2.83 -29.46
C SER A 760 0.20 -3.17 -30.70
N GLY A 761 -0.28 -2.15 -31.40
CA GLY A 761 -1.03 -2.39 -32.62
C GLY A 761 -2.52 -2.61 -32.59
N ALA A 762 -3.21 -2.03 -31.62
CA ALA A 762 -4.66 -2.18 -31.55
C ALA A 762 -5.23 -1.80 -32.92
N GLY A 763 -6.08 -2.67 -33.47
CA GLY A 763 -6.68 -2.37 -34.76
C GLY A 763 -5.79 -2.51 -35.99
N VAL A 764 -4.61 -1.90 -35.97
CA VAL A 764 -3.71 -1.93 -37.12
C VAL A 764 -2.88 -3.21 -37.31
N LEU A 765 -2.58 -3.92 -36.22
CA LEU A 765 -1.80 -5.15 -36.32
C LEU A 765 -2.34 -6.14 -35.29
N PRO A 766 -3.58 -6.60 -35.49
CA PRO A 766 -4.25 -7.54 -34.60
C PRO A 766 -3.62 -8.92 -34.47
N ASN A 767 -3.66 -9.47 -33.26
CA ASN A 767 -3.13 -10.82 -33.05
C ASN A 767 -4.27 -11.80 -33.35
N GLU A 768 -4.02 -13.09 -33.18
CA GLU A 768 -5.02 -14.10 -33.49
C GLU A 768 -6.22 -14.22 -32.57
N LEU A 769 -6.17 -13.59 -31.40
CA LEU A 769 -7.26 -13.68 -30.42
C LEU A 769 -8.15 -12.46 -30.28
N THR A 770 -7.59 -11.27 -30.45
CA THR A 770 -8.34 -10.04 -30.27
C THR A 770 -9.58 -9.86 -31.13
N THR A 771 -10.52 -9.07 -30.64
CA THR A 771 -11.76 -8.77 -31.37
C THR A 771 -11.97 -7.26 -31.41
N LEU A 772 -10.93 -6.51 -31.05
CA LEU A 772 -11.00 -5.05 -31.05
C LEU A 772 -11.38 -4.46 -32.40
N SER A 773 -12.39 -3.62 -32.40
CA SER A 773 -12.86 -2.98 -33.63
C SER A 773 -12.03 -1.73 -33.91
N ASP A 774 -12.16 -1.17 -35.11
CA ASP A 774 -11.42 0.03 -35.46
C ASP A 774 -11.89 1.17 -34.57
N ASP A 775 -13.18 1.17 -34.27
CA ASP A 775 -13.78 2.19 -33.43
C ASP A 775 -13.18 2.18 -32.03
N GLN A 776 -12.98 0.98 -31.48
CA GLN A 776 -12.40 0.85 -30.15
C GLN A 776 -10.94 1.30 -30.14
N ALA A 777 -10.24 1.05 -31.24
CA ALA A 777 -8.84 1.43 -31.36
C ALA A 777 -8.72 2.95 -31.41
N ARG A 778 -9.65 3.59 -32.12
CA ARG A 778 -9.64 5.04 -32.24
C ARG A 778 -10.04 5.74 -30.95
N HIS A 779 -10.81 5.05 -30.11
CA HIS A 779 -11.19 5.62 -28.82
C HIS A 779 -9.94 5.66 -27.94
N LEU A 780 -9.10 4.63 -28.05
CA LEU A 780 -7.86 4.60 -27.27
C LEU A 780 -6.93 5.72 -27.73
N ALA A 781 -6.99 6.05 -29.03
CA ALA A 781 -6.17 7.11 -29.59
C ALA A 781 -6.66 8.47 -29.06
N ASP A 782 -7.97 8.59 -28.86
CA ASP A 782 -8.53 9.83 -28.31
C ASP A 782 -7.98 10.01 -26.89
N LEU A 783 -8.00 8.93 -26.11
CA LEU A 783 -7.48 8.97 -24.75
C LEU A 783 -5.98 9.29 -24.73
N THR A 784 -5.24 8.77 -25.71
CA THR A 784 -3.81 9.00 -25.78
C THR A 784 -3.50 10.46 -26.15
N ARG A 785 -4.22 10.99 -27.13
CA ARG A 785 -4.01 12.38 -27.52
C ARG A 785 -4.33 13.30 -26.34
N LEU A 786 -5.48 13.07 -25.70
CA LEU A 786 -5.87 13.87 -24.55
C LEU A 786 -4.78 13.84 -23.48
N GLY A 787 -4.18 12.67 -23.29
CA GLY A 787 -3.12 12.54 -22.30
C GLY A 787 -1.84 13.27 -22.67
N MET A 788 -1.53 13.30 -23.96
CA MET A 788 -0.33 13.97 -24.43
C MET A 788 -0.50 15.49 -24.27
N ALA A 789 -1.74 15.91 -24.10
CA ALA A 789 -2.08 17.32 -23.91
C ALA A 789 -2.28 17.62 -22.42
N GLY A 790 -1.89 16.68 -21.56
CA GLY A 790 -2.02 16.91 -20.12
C GLY A 790 -3.27 16.40 -19.43
N ASN A 791 -4.10 15.67 -20.17
CA ASN A 791 -5.35 15.11 -19.64
C ASN A 791 -6.14 16.18 -18.87
N LEU A 792 -6.34 17.32 -19.52
CA LEU A 792 -7.08 18.44 -18.94
C LEU A 792 -8.59 18.27 -19.15
N ALA A 793 -9.36 18.65 -18.15
CA ALA A 793 -10.81 18.55 -18.22
C ALA A 793 -11.42 19.48 -19.28
N ASP A 794 -10.81 20.65 -19.48
CA ASP A 794 -11.34 21.63 -20.43
C ASP A 794 -10.67 21.67 -21.81
N PHE A 795 -9.70 20.80 -22.06
CA PHE A 795 -9.03 20.79 -23.36
C PHE A 795 -10.04 20.35 -24.43
N VAL A 796 -10.05 21.06 -25.56
CA VAL A 796 -10.97 20.75 -26.65
C VAL A 796 -10.32 19.99 -27.81
N LEU A 797 -10.93 18.88 -28.20
CA LEU A 797 -10.40 18.09 -29.30
C LEU A 797 -11.52 17.51 -30.16
N ILE A 798 -11.13 16.96 -31.30
CA ILE A 798 -12.06 16.33 -32.24
C ILE A 798 -11.94 14.82 -31.98
N ASP A 799 -13.03 14.19 -31.55
CA ASP A 799 -12.96 12.76 -31.26
C ASP A 799 -13.05 11.85 -32.49
N LYS A 800 -13.03 10.54 -32.24
CA LYS A 800 -13.06 9.53 -33.28
C LYS A 800 -14.20 9.68 -34.29
N ASP A 801 -15.32 10.23 -33.85
CA ASP A 801 -16.47 10.40 -34.74
C ASP A 801 -16.54 11.78 -35.37
N GLY A 802 -15.54 12.61 -35.06
CA GLY A 802 -15.50 13.96 -35.61
C GLY A 802 -16.27 14.99 -34.80
N ALA A 803 -16.68 14.62 -33.59
CA ALA A 803 -17.42 15.54 -32.73
C ALA A 803 -16.48 16.38 -31.87
N VAL A 804 -16.88 17.61 -31.58
CA VAL A 804 -16.09 18.49 -30.74
C VAL A 804 -16.33 18.08 -29.29
N LYS A 805 -15.26 17.77 -28.56
CA LYS A 805 -15.41 17.34 -27.18
C LYS A 805 -14.37 17.95 -26.25
N ARG A 806 -14.76 18.15 -24.99
CA ARG A 806 -13.85 18.65 -23.98
C ARG A 806 -13.25 17.39 -23.37
N GLY A 807 -12.09 17.52 -22.74
CA GLY A 807 -11.43 16.37 -22.14
C GLY A 807 -12.33 15.58 -21.20
N SER A 808 -13.12 16.30 -20.41
CA SER A 808 -14.03 15.67 -19.46
C SER A 808 -15.11 14.85 -20.16
N GLU A 809 -15.29 15.08 -21.45
CA GLU A 809 -16.30 14.37 -22.22
C GLU A 809 -15.81 13.09 -22.88
N ILE A 810 -14.50 12.84 -22.81
CA ILE A 810 -13.96 11.62 -23.39
C ILE A 810 -14.04 10.56 -22.29
N ASP A 811 -14.81 9.51 -22.55
CA ASP A 811 -15.03 8.46 -21.57
C ASP A 811 -13.85 7.52 -21.26
N TYR A 812 -13.69 7.21 -19.98
CA TYR A 812 -12.66 6.27 -19.53
C TYR A 812 -13.36 5.31 -18.59
N ASN A 813 -13.88 4.23 -19.16
CA ASN A 813 -14.61 3.21 -18.42
C ASN A 813 -15.75 3.80 -17.61
N GLY A 814 -16.55 4.66 -18.23
CA GLY A 814 -17.67 5.27 -17.53
C GLY A 814 -17.37 6.54 -16.78
N ALA A 815 -16.10 6.88 -16.64
CA ALA A 815 -15.72 8.10 -15.93
C ALA A 815 -15.20 9.16 -16.89
N PRO A 816 -15.28 10.45 -16.49
CA PRO A 816 -14.78 11.52 -17.35
C PRO A 816 -13.27 11.38 -17.51
N GLY A 817 -12.81 11.30 -18.75
CA GLY A 817 -11.40 11.15 -19.05
C GLY A 817 -10.49 12.23 -18.50
N GLY A 818 -10.63 13.45 -19.02
CA GLY A 818 -9.82 14.56 -18.56
C GLY A 818 -10.32 15.05 -17.22
N TYR A 819 -9.40 15.23 -16.26
CA TYR A 819 -9.78 15.66 -14.93
C TYR A 819 -8.95 16.79 -14.33
N ALA A 820 -7.82 17.12 -14.97
CA ALA A 820 -6.94 18.14 -14.43
C ALA A 820 -7.14 19.58 -14.90
N ALA A 821 -6.60 20.51 -14.11
CA ALA A 821 -6.68 21.95 -14.43
C ALA A 821 -5.38 22.37 -15.09
N ASP A 822 -4.27 21.78 -14.66
CA ASP A 822 -2.96 22.07 -15.22
C ASP A 822 -2.28 20.73 -15.48
N PRO A 823 -1.45 20.64 -16.53
CA PRO A 823 -0.75 19.39 -16.85
C PRO A 823 0.20 18.93 -15.74
N THR A 824 0.57 19.86 -14.85
CA THR A 824 1.46 19.54 -13.74
C THR A 824 0.73 18.76 -12.63
N GLU A 825 -0.57 18.55 -12.83
CA GLU A 825 -1.38 17.81 -11.87
C GLU A 825 -1.55 16.37 -12.38
N VAL A 826 -0.95 16.08 -13.53
CA VAL A 826 -1.04 14.77 -14.15
C VAL A 826 0.31 14.09 -14.36
N VAL A 827 0.40 12.83 -13.95
CA VAL A 827 1.63 12.06 -14.13
C VAL A 827 1.35 10.91 -15.08
N ASN A 828 1.85 11.03 -16.32
CA ASN A 828 1.66 10.00 -17.34
C ASN A 828 2.73 8.92 -17.25
N TYR A 829 2.36 7.70 -17.62
CA TYR A 829 3.31 6.58 -17.58
C TYR A 829 2.75 5.34 -18.28
N VAL A 830 3.65 4.45 -18.70
CA VAL A 830 3.25 3.20 -19.33
C VAL A 830 3.93 2.00 -18.68
N SER A 831 4.62 2.25 -17.57
CA SER A 831 5.26 1.18 -16.82
C SER A 831 5.60 1.69 -15.43
N LYS A 832 5.49 0.81 -14.43
CA LYS A 832 5.74 1.17 -13.04
C LYS A 832 6.10 -0.12 -12.28
N HIS A 833 6.46 -0.02 -11.00
CA HIS A 833 6.81 -1.21 -10.24
C HIS A 833 5.63 -2.19 -10.15
N ASP A 834 4.41 -1.63 -10.06
CA ASP A 834 3.16 -2.40 -9.99
C ASP A 834 2.79 -2.96 -11.34
N ASN A 835 2.23 -4.17 -11.34
CA ASN A 835 1.77 -4.83 -12.56
C ASN A 835 2.90 -5.19 -13.51
N GLN A 836 2.55 -5.81 -14.64
CA GLN A 836 3.54 -6.25 -15.62
C GLN A 836 4.35 -5.12 -16.26
N THR A 837 5.61 -5.41 -16.57
CA THR A 837 6.46 -4.41 -17.20
C THR A 837 5.94 -4.17 -18.61
N LEU A 838 6.34 -3.05 -19.21
CA LEU A 838 5.92 -2.71 -20.57
C LEU A 838 6.32 -3.83 -21.55
N TRP A 839 7.56 -4.30 -21.45
CA TRP A 839 7.99 -5.37 -22.36
C TRP A 839 7.17 -6.65 -22.23
N ASP A 840 6.80 -7.00 -21.01
CA ASP A 840 6.01 -8.21 -20.78
C ASP A 840 4.59 -8.05 -21.33
N MET A 841 4.08 -6.82 -21.31
CA MET A 841 2.73 -6.55 -21.86
C MET A 841 2.79 -6.63 -23.39
N ILE A 842 3.84 -6.08 -23.98
CA ILE A 842 3.99 -6.13 -25.43
C ILE A 842 4.16 -7.60 -25.85
N SER A 843 4.82 -8.39 -25.02
CA SER A 843 5.03 -9.82 -25.32
C SER A 843 3.70 -10.57 -25.27
N TYR A 844 2.81 -10.16 -24.36
CA TYR A 844 1.50 -10.78 -24.23
C TYR A 844 0.60 -10.41 -25.42
N LYS A 845 0.71 -9.18 -25.87
CA LYS A 845 -0.16 -8.63 -26.91
C LYS A 845 0.27 -8.57 -28.38
N ALA A 846 1.57 -8.51 -28.64
CA ALA A 846 2.06 -8.40 -30.01
C ALA A 846 1.64 -9.54 -30.94
N ALA A 847 1.34 -9.18 -32.18
CA ALA A 847 0.95 -10.17 -33.19
C ALA A 847 2.15 -11.08 -33.45
N GLN A 848 1.88 -12.34 -33.76
CA GLN A 848 2.94 -13.30 -34.03
C GLN A 848 3.93 -12.83 -35.09
N GLU A 849 3.45 -12.10 -36.10
CA GLU A 849 4.32 -11.62 -37.18
C GLU A 849 5.19 -10.41 -36.84
N ALA A 850 4.95 -9.77 -35.70
CA ALA A 850 5.77 -8.62 -35.33
C ALA A 850 7.10 -9.20 -34.84
N ASP A 851 8.17 -8.97 -35.59
CA ASP A 851 9.47 -9.51 -35.19
C ASP A 851 10.10 -8.78 -34.02
N LEU A 852 11.28 -9.24 -33.61
CA LEU A 852 12.00 -8.65 -32.48
C LEU A 852 12.24 -7.15 -32.65
N ASP A 853 12.76 -6.74 -33.80
CA ASP A 853 13.04 -5.34 -34.08
C ASP A 853 11.77 -4.49 -33.95
N THR A 854 10.66 -5.00 -34.47
CA THR A 854 9.39 -4.29 -34.40
C THR A 854 8.93 -4.09 -32.95
N ARG A 855 9.14 -5.11 -32.12
CA ARG A 855 8.74 -5.03 -30.72
C ARG A 855 9.56 -4.01 -29.94
N VAL A 856 10.82 -3.85 -30.32
CA VAL A 856 11.65 -2.87 -29.66
C VAL A 856 11.08 -1.49 -30.01
N ARG A 857 10.70 -1.28 -31.27
CA ARG A 857 10.13 -0.01 -31.69
C ARG A 857 8.77 0.24 -31.03
N MET A 858 8.03 -0.84 -30.72
CA MET A 858 6.73 -0.69 -30.05
C MET A 858 6.98 -0.15 -28.64
N GLN A 859 8.01 -0.66 -27.97
CA GLN A 859 8.33 -0.19 -26.63
C GLN A 859 8.68 1.30 -26.68
N ALA A 860 9.43 1.71 -27.70
CA ALA A 860 9.83 3.12 -27.85
C ALA A 860 8.63 4.00 -28.21
N VAL A 861 7.79 3.50 -29.10
CA VAL A 861 6.59 4.23 -29.50
C VAL A 861 5.68 4.46 -28.29
N SER A 862 5.55 3.43 -27.46
CA SER A 862 4.71 3.54 -26.26
C SER A 862 5.27 4.61 -25.31
N LEU A 863 6.58 4.58 -25.11
CA LEU A 863 7.22 5.55 -24.22
C LEU A 863 7.18 6.97 -24.79
N ALA A 864 7.14 7.08 -26.12
CA ALA A 864 7.09 8.39 -26.77
C ALA A 864 5.83 9.18 -26.40
N THR A 865 4.71 8.49 -26.23
CA THR A 865 3.47 9.18 -25.87
C THR A 865 3.62 9.86 -24.52
N VAL A 866 4.47 9.29 -23.65
CA VAL A 866 4.71 9.86 -22.33
C VAL A 866 5.77 10.95 -22.37
N MET A 867 6.95 10.61 -22.90
CA MET A 867 8.07 11.55 -22.97
C MET A 867 7.81 12.82 -23.78
N LEU A 868 7.00 12.72 -24.83
CA LEU A 868 6.72 13.89 -25.65
C LEU A 868 5.40 14.57 -25.31
N GLY A 869 4.81 14.17 -24.19
CA GLY A 869 3.54 14.73 -23.74
C GLY A 869 3.69 15.89 -22.74
N GLN A 870 2.60 16.62 -22.52
CA GLN A 870 2.59 17.77 -21.62
C GLN A 870 2.54 17.39 -20.13
N GLY A 871 2.03 16.21 -19.82
CA GLY A 871 1.97 15.80 -18.43
C GLY A 871 3.36 15.47 -17.92
N ILE A 872 3.52 15.38 -16.61
CA ILE A 872 4.80 15.03 -16.02
C ILE A 872 5.09 13.60 -16.48
N ALA A 873 6.35 13.31 -16.80
CA ALA A 873 6.74 11.99 -17.30
C ALA A 873 7.27 11.07 -16.21
N PHE A 874 6.73 9.86 -16.14
CA PHE A 874 7.13 8.88 -15.13
C PHE A 874 7.39 7.53 -15.79
N ASP A 875 8.45 6.84 -15.35
CA ASP A 875 8.76 5.54 -15.92
C ASP A 875 9.49 4.64 -14.93
N GLN A 876 9.38 3.33 -15.19
CA GLN A 876 10.01 2.30 -14.37
C GLN A 876 11.48 2.12 -14.72
N GLN A 877 12.30 1.94 -13.69
CA GLN A 877 13.72 1.70 -13.87
C GLN A 877 13.87 0.52 -14.84
N GLY A 878 14.64 0.69 -15.91
CA GLY A 878 14.82 -0.42 -16.83
C GLY A 878 13.96 -0.47 -18.08
N SER A 879 13.03 0.47 -18.25
CA SER A 879 12.21 0.44 -19.47
C SER A 879 13.13 0.67 -20.66
N GLU A 880 14.24 1.39 -20.42
CA GLU A 880 15.18 1.67 -21.48
C GLU A 880 15.99 0.44 -21.86
N LEU A 881 15.87 -0.62 -21.05
CA LEU A 881 16.55 -1.88 -21.30
C LEU A 881 15.55 -2.99 -21.54
N LEU A 882 14.35 -2.64 -21.98
CA LEU A 882 13.30 -3.63 -22.27
C LEU A 882 13.07 -4.58 -21.09
N ARG A 883 13.16 -4.04 -19.88
CA ARG A 883 13.00 -4.84 -18.65
C ARG A 883 11.83 -5.82 -18.59
N SER A 884 12.15 -7.05 -18.19
CA SER A 884 11.15 -8.10 -18.03
C SER A 884 11.24 -8.71 -16.63
N LYS A 885 10.12 -9.25 -16.15
CA LYS A 885 10.09 -9.92 -14.84
C LYS A 885 9.60 -11.35 -15.10
N SER A 886 9.83 -11.82 -16.32
CA SER A 886 9.44 -13.17 -16.72
C SER A 886 7.92 -13.33 -16.55
N PHE A 887 7.22 -12.25 -16.88
CA PHE A 887 5.74 -12.13 -16.81
C PHE A 887 5.15 -11.95 -15.40
N THR A 888 6.00 -11.83 -14.38
CA THR A 888 5.48 -11.63 -13.01
C THR A 888 4.65 -10.35 -12.95
N ARG A 889 3.45 -10.44 -12.38
CA ARG A 889 2.58 -9.27 -12.28
C ARG A 889 2.81 -8.42 -11.03
N ASP A 890 2.95 -9.07 -9.88
CA ASP A 890 3.15 -8.39 -8.60
C ASP A 890 4.42 -8.97 -7.97
N SER A 891 5.57 -8.40 -8.33
CA SER A 891 6.87 -8.89 -7.89
C SER A 891 7.45 -8.38 -6.57
N TYR A 892 6.59 -7.86 -5.68
CA TYR A 892 7.07 -7.30 -4.40
C TYR A 892 7.95 -8.19 -3.54
N ASP A 893 7.76 -9.50 -3.62
CA ASP A 893 8.54 -10.45 -2.82
C ASP A 893 9.13 -11.53 -3.72
N SER A 894 9.32 -11.22 -5.01
CA SER A 894 9.86 -12.20 -5.96
C SER A 894 11.38 -12.21 -6.06
N GLY A 895 12.02 -11.53 -5.11
CA GLY A 895 13.47 -11.49 -5.02
C GLY A 895 14.34 -10.97 -6.14
N ASP A 896 15.64 -11.21 -5.99
CA ASP A 896 16.62 -10.78 -6.96
C ASP A 896 16.40 -11.47 -8.31
N TRP A 897 15.92 -12.70 -8.29
CA TRP A 897 15.73 -13.45 -9.53
C TRP A 897 14.77 -12.85 -10.55
N PHE A 898 13.54 -12.60 -10.15
CA PHE A 898 12.57 -12.06 -11.09
C PHE A 898 12.63 -10.54 -11.29
N ASN A 899 13.27 -9.84 -10.35
CA ASN A 899 13.39 -8.38 -10.42
C ASN A 899 14.72 -7.90 -11.00
N ARG A 900 15.53 -8.84 -11.45
CA ARG A 900 16.85 -8.55 -12.03
C ARG A 900 16.92 -7.53 -13.17
N VAL A 901 17.89 -6.62 -13.07
CA VAL A 901 18.15 -5.62 -14.11
C VAL A 901 19.65 -5.76 -14.38
N ASP A 902 19.99 -6.18 -15.60
CA ASP A 902 21.37 -6.41 -15.99
C ASP A 902 22.05 -5.22 -16.66
N TYR A 903 22.85 -4.48 -15.91
CA TYR A 903 23.52 -3.34 -16.49
C TYR A 903 24.75 -3.71 -17.33
N SER A 904 24.99 -5.01 -17.49
CA SER A 904 26.11 -5.48 -18.33
C SER A 904 25.51 -5.69 -19.72
N LEU A 905 24.20 -5.47 -19.83
CA LEU A 905 23.46 -5.55 -21.09
C LEU A 905 23.46 -6.88 -21.84
N GLN A 906 23.45 -8.00 -21.15
CA GLN A 906 23.44 -9.28 -21.85
C GLN A 906 22.03 -9.75 -22.24
N ASP A 907 21.04 -9.42 -21.40
CA ASP A 907 19.65 -9.77 -21.69
C ASP A 907 18.71 -8.94 -20.80
N ASN A 908 17.40 -9.03 -21.05
CA ASN A 908 16.43 -8.24 -20.30
C ASN A 908 15.67 -9.01 -19.20
N ASN A 909 16.19 -10.16 -18.82
CA ASN A 909 15.60 -11.03 -17.78
C ASN A 909 14.28 -11.68 -18.20
N TYR A 910 14.06 -11.76 -19.50
CA TYR A 910 12.84 -12.40 -20.02
C TYR A 910 13.11 -13.91 -20.08
N ASN A 911 12.06 -14.71 -19.96
CA ASN A 911 12.17 -16.17 -20.03
C ASN A 911 13.15 -16.81 -19.03
N VAL A 912 13.03 -16.47 -17.76
CA VAL A 912 13.91 -17.04 -16.73
C VAL A 912 13.12 -17.93 -15.78
N GLY A 913 11.97 -18.42 -16.25
CA GLY A 913 11.14 -19.29 -15.43
C GLY A 913 9.72 -18.76 -15.28
N MET A 914 8.76 -19.67 -15.11
CA MET A 914 7.38 -19.25 -14.94
C MET A 914 7.28 -18.45 -13.64
N PRO A 915 6.42 -17.42 -13.61
CA PRO A 915 6.25 -16.58 -12.42
C PRO A 915 5.48 -17.28 -11.29
N ARG A 916 5.47 -16.64 -10.11
CA ARG A 916 4.79 -17.17 -8.93
C ARG A 916 3.40 -17.71 -9.26
N SER A 917 3.16 -18.99 -8.96
CA SER A 917 1.88 -19.62 -9.26
C SER A 917 0.72 -19.06 -8.44
N SER A 918 1.02 -18.63 -7.21
CA SER A 918 -0.02 -18.09 -6.34
C SER A 918 -0.78 -16.92 -6.98
N ASP A 919 -0.09 -16.09 -7.75
CA ASP A 919 -0.73 -14.93 -8.36
C ASP A 919 -0.81 -14.94 -9.89
N ASP A 920 0.02 -15.74 -10.55
CA ASP A 920 0.01 -15.80 -12.01
C ASP A 920 -0.32 -17.16 -12.59
N GLY A 921 -0.67 -18.11 -11.72
CA GLY A 921 -0.99 -19.44 -12.17
C GLY A 921 -2.10 -19.48 -13.21
N SER A 922 -3.08 -18.59 -13.08
CA SER A 922 -4.18 -18.55 -14.03
C SER A 922 -3.74 -17.99 -15.39
N ASN A 923 -2.49 -17.52 -15.46
CA ASN A 923 -1.94 -16.97 -16.70
C ASN A 923 -0.91 -17.89 -17.36
N TYR A 924 -0.67 -19.05 -16.75
CA TYR A 924 0.30 -19.99 -17.28
C TYR A 924 -0.01 -20.46 -18.72
N ASP A 925 -1.29 -20.70 -19.01
CA ASP A 925 -1.68 -21.17 -20.34
C ASP A 925 -1.34 -20.13 -21.42
N ILE A 926 -1.76 -18.89 -21.20
CA ILE A 926 -1.50 -17.84 -22.18
C ILE A 926 0.00 -17.56 -22.27
N ILE A 927 0.70 -17.62 -21.14
CA ILE A 927 2.15 -17.39 -21.14
C ILE A 927 2.85 -18.42 -22.02
N ALA A 928 2.52 -19.69 -21.82
CA ALA A 928 3.15 -20.75 -22.62
C ALA A 928 2.92 -20.56 -24.11
N ARG A 929 1.76 -20.01 -24.47
CA ARG A 929 1.44 -19.78 -25.88
C ARG A 929 2.16 -18.61 -26.54
N VAL A 930 2.39 -17.52 -25.82
CA VAL A 930 3.03 -16.35 -26.40
C VAL A 930 4.52 -16.20 -26.08
N LYS A 931 4.98 -16.84 -25.03
CA LYS A 931 6.38 -16.69 -24.61
C LYS A 931 7.50 -16.79 -25.63
N ASP A 932 7.51 -17.84 -26.44
CA ASP A 932 8.58 -18.02 -27.42
C ASP A 932 8.35 -17.52 -28.84
N ALA A 933 7.45 -16.55 -29.01
CA ALA A 933 7.15 -16.00 -30.34
C ALA A 933 8.41 -15.50 -31.05
N VAL A 934 9.27 -14.78 -30.34
CA VAL A 934 10.50 -14.27 -30.93
C VAL A 934 11.65 -14.48 -29.94
N ALA A 935 12.86 -14.20 -30.38
CA ALA A 935 14.04 -14.37 -29.53
C ALA A 935 14.05 -13.38 -28.39
N THR A 936 14.83 -13.70 -27.36
CA THR A 936 14.98 -12.85 -26.18
C THR A 936 15.99 -11.76 -26.50
N PRO A 937 15.67 -10.50 -26.16
CA PRO A 937 16.57 -9.38 -26.42
C PRO A 937 17.98 -9.61 -25.92
N GLY A 938 18.96 -9.21 -26.73
CA GLY A 938 20.36 -9.34 -26.38
C GLY A 938 21.00 -7.97 -26.35
N GLU A 939 22.33 -7.92 -26.27
CA GLU A 939 23.05 -6.66 -26.23
C GLU A 939 22.72 -5.72 -27.39
N THR A 940 22.51 -6.27 -28.57
CA THR A 940 22.18 -5.45 -29.74
C THR A 940 20.87 -4.70 -29.53
N GLU A 941 19.86 -5.41 -29.05
CA GLU A 941 18.55 -4.79 -28.82
C GLU A 941 18.54 -3.83 -27.64
N LEU A 942 19.25 -4.19 -26.57
CA LEU A 942 19.31 -3.32 -25.39
C LEU A 942 19.98 -2.00 -25.70
N LYS A 943 21.07 -2.04 -26.48
CA LYS A 943 21.76 -0.80 -26.83
C LYS A 943 20.86 0.04 -27.73
N GLN A 944 20.12 -0.63 -28.61
CA GLN A 944 19.22 0.04 -29.52
C GLN A 944 18.14 0.78 -28.73
N MET A 945 17.56 0.10 -27.73
CA MET A 945 16.50 0.70 -26.92
C MET A 945 16.99 1.87 -26.08
N THR A 946 18.17 1.73 -25.48
CA THR A 946 18.69 2.82 -24.66
C THR A 946 18.87 4.07 -25.53
N ALA A 947 19.29 3.88 -26.77
CA ALA A 947 19.48 5.01 -27.68
C ALA A 947 18.13 5.66 -27.97
N PHE A 948 17.12 4.85 -28.28
CA PHE A 948 15.79 5.38 -28.55
C PHE A 948 15.30 6.16 -27.34
N TYR A 949 15.48 5.57 -26.17
CA TYR A 949 15.04 6.19 -24.92
C TYR A 949 15.68 7.55 -24.70
N GLN A 950 17.00 7.61 -24.80
CA GLN A 950 17.69 8.87 -24.58
C GLN A 950 17.37 9.92 -25.64
N GLU A 951 16.98 9.45 -26.82
CA GLU A 951 16.58 10.35 -27.91
C GLU A 951 15.28 11.04 -27.47
N LEU A 952 14.36 10.26 -26.93
CA LEU A 952 13.08 10.79 -26.46
C LEU A 952 13.23 11.80 -25.31
N THR A 953 14.00 11.44 -24.29
CA THR A 953 14.17 12.36 -23.16
C THR A 953 14.93 13.62 -23.58
N ALA A 954 15.84 13.49 -24.54
CA ALA A 954 16.60 14.63 -25.04
C ALA A 954 15.66 15.57 -25.79
N LEU A 955 14.73 14.99 -26.54
CA LEU A 955 13.77 15.80 -27.28
C LEU A 955 12.83 16.52 -26.32
N ARG A 956 12.38 15.83 -25.28
CA ARG A 956 11.49 16.42 -24.29
C ARG A 956 12.04 17.71 -23.70
N LYS A 957 13.34 17.73 -23.41
CA LYS A 957 13.93 18.93 -22.83
C LYS A 957 14.55 19.92 -23.82
N SER A 958 14.46 19.62 -25.12
CA SER A 958 15.04 20.48 -26.14
C SER A 958 14.23 21.75 -26.43
N SER A 959 13.06 21.86 -25.84
CA SER A 959 12.22 23.04 -26.07
C SER A 959 11.18 23.21 -24.97
N PRO A 960 10.92 24.46 -24.58
CA PRO A 960 9.94 24.73 -23.53
C PRO A 960 8.51 24.43 -24.00
N LEU A 961 8.34 24.27 -25.32
CA LEU A 961 7.02 24.00 -25.87
C LEU A 961 6.48 22.63 -25.43
N PHE A 962 7.37 21.70 -25.12
CA PHE A 962 6.98 20.36 -24.71
C PHE A 962 6.43 20.34 -23.28
N THR A 963 6.79 21.35 -22.50
CA THR A 963 6.41 21.42 -21.11
C THR A 963 5.86 22.78 -20.68
N LEU A 964 4.74 23.19 -21.28
CA LEU A 964 4.13 24.49 -21.00
C LEU A 964 3.72 24.72 -19.54
N GLY A 965 3.38 23.65 -18.83
CA GLY A 965 3.02 23.77 -17.43
C GLY A 965 1.64 24.30 -17.06
N ASP A 966 1.23 25.39 -17.68
CA ASP A 966 -0.07 26.00 -17.40
C ASP A 966 -1.19 25.52 -18.34
N GLY A 967 -2.31 25.13 -17.75
CA GLY A 967 -3.45 24.64 -18.52
C GLY A 967 -3.95 25.56 -19.61
N ALA A 968 -4.12 26.84 -19.29
CA ALA A 968 -4.60 27.82 -20.26
C ALA A 968 -3.62 27.96 -21.43
N THR A 969 -2.34 27.85 -21.14
CA THR A 969 -1.33 27.96 -22.19
C THR A 969 -1.36 26.74 -23.11
N VAL A 970 -1.62 25.56 -22.54
CA VAL A 970 -1.70 24.34 -23.32
C VAL A 970 -2.88 24.47 -24.29
N MET A 971 -4.01 24.97 -23.77
CA MET A 971 -5.21 25.15 -24.59
C MET A 971 -5.01 26.16 -25.71
N LYS A 972 -4.12 27.13 -25.51
CA LYS A 972 -3.89 28.14 -26.53
C LYS A 972 -2.86 27.73 -27.58
N ARG A 973 -2.04 26.73 -27.27
CA ARG A 973 -0.99 26.31 -28.20
C ARG A 973 -1.01 24.88 -28.75
N VAL A 974 -1.62 23.95 -28.03
CA VAL A 974 -1.64 22.55 -28.46
C VAL A 974 -2.88 22.13 -29.24
N ASP A 975 -2.66 21.41 -30.34
CA ASP A 975 -3.74 20.95 -31.18
C ASP A 975 -3.34 19.60 -31.80
N PHE A 976 -4.26 18.98 -32.53
CA PHE A 976 -3.97 17.70 -33.18
C PHE A 976 -4.46 17.65 -34.62
N ARG A 977 -3.80 16.81 -35.42
CA ARG A 977 -4.18 16.61 -36.82
C ARG A 977 -4.51 15.12 -36.94
N ASN A 978 -4.92 14.69 -38.13
CA ASN A 978 -5.27 13.28 -38.33
C ASN A 978 -6.28 12.81 -37.29
N THR A 979 -7.39 13.54 -37.18
CA THR A 979 -8.45 13.20 -36.22
C THR A 979 -9.76 12.95 -36.97
N GLY A 980 -10.77 12.48 -36.26
CA GLY A 980 -12.05 12.23 -36.90
C GLY A 980 -12.23 10.84 -37.50
N ALA A 981 -13.34 10.66 -38.19
CA ALA A 981 -13.68 9.37 -38.81
C ALA A 981 -12.82 8.97 -40.01
N ASP A 982 -12.16 9.93 -40.63
CA ASP A 982 -11.33 9.65 -41.80
C ASP A 982 -9.85 9.57 -41.47
N GLN A 983 -9.54 9.45 -40.18
CA GLN A 983 -8.14 9.40 -39.74
C GLN A 983 -7.44 8.09 -40.10
N GLN A 984 -6.11 8.14 -40.14
CA GLN A 984 -5.32 6.96 -40.42
C GLN A 984 -5.02 6.38 -39.03
N THR A 985 -5.67 5.27 -38.72
CA THR A 985 -5.52 4.62 -37.42
C THR A 985 -4.09 4.42 -36.93
N GLY A 986 -3.86 4.76 -35.66
CA GLY A 986 -2.53 4.60 -35.09
C GLY A 986 -1.56 5.75 -35.25
N LEU A 987 -1.89 6.71 -36.12
CA LEU A 987 -1.00 7.86 -36.33
C LEU A 987 -1.41 9.02 -35.44
N LEU A 988 -0.52 9.40 -34.52
CA LEU A 988 -0.77 10.50 -33.61
C LEU A 988 0.02 11.71 -34.07
N VAL A 989 -0.66 12.83 -34.33
CA VAL A 989 0.00 14.04 -34.79
C VAL A 989 -0.42 15.21 -33.92
N MET A 990 0.53 15.74 -33.15
CA MET A 990 0.27 16.85 -32.25
C MET A 990 1.08 18.07 -32.68
N THR A 991 0.46 19.25 -32.66
CA THR A 991 1.15 20.48 -33.01
C THR A 991 1.22 21.39 -31.79
N ILE A 992 2.32 22.11 -31.64
CA ILE A 992 2.51 23.03 -30.53
C ILE A 992 2.90 24.38 -31.15
N ASP A 993 2.01 25.35 -31.02
CA ASP A 993 2.18 26.69 -31.58
C ASP A 993 3.09 27.64 -30.80
N ASP A 994 3.87 28.42 -31.53
CA ASP A 994 4.74 29.41 -30.91
C ASP A 994 4.69 30.65 -31.79
N GLY A 995 3.68 30.71 -32.65
CA GLY A 995 3.50 31.83 -33.55
C GLY A 995 2.82 33.01 -32.90
N MET A 996 2.55 34.04 -33.70
CA MET A 996 1.92 35.26 -33.23
C MET A 996 0.55 35.10 -32.57
N GLN A 997 -0.23 34.13 -33.00
CA GLN A 997 -1.56 33.93 -32.41
C GLN A 997 -1.52 33.27 -31.04
N ALA A 998 -0.39 32.68 -30.68
CA ALA A 998 -0.25 32.02 -29.39
C ALA A 998 0.16 33.04 -28.34
N GLY A 999 0.82 34.09 -28.79
CA GLY A 999 1.27 35.14 -27.89
C GLY A 999 2.77 35.32 -28.03
N ALA A 1000 3.48 35.31 -26.91
CA ALA A 1000 4.92 35.48 -26.93
C ALA A 1000 5.63 34.26 -27.48
N SER A 1001 6.83 34.48 -28.02
CA SER A 1001 7.63 33.39 -28.57
C SER A 1001 8.44 32.81 -27.42
N LEU A 1002 8.10 31.59 -27.02
CA LEU A 1002 8.79 30.93 -25.91
C LEU A 1002 10.09 30.27 -26.38
N ASP A 1003 10.17 29.98 -27.66
CA ASP A 1003 11.35 29.34 -28.23
C ASP A 1003 11.85 30.21 -29.39
N SER A 1004 13.07 30.71 -29.27
CA SER A 1004 13.64 31.58 -30.29
C SER A 1004 14.12 30.86 -31.53
N ARG A 1005 14.10 29.53 -31.49
CA ARG A 1005 14.55 28.76 -32.64
C ARG A 1005 13.41 28.25 -33.52
N VAL A 1006 12.19 28.24 -33.00
CA VAL A 1006 11.07 27.74 -33.77
C VAL A 1006 9.77 28.53 -33.61
N ASP A 1007 8.91 28.45 -34.62
CA ASP A 1007 7.62 29.12 -34.59
C ASP A 1007 6.57 28.06 -34.29
N GLY A 1008 7.01 26.82 -34.17
CA GLY A 1008 6.09 25.72 -33.88
C GLY A 1008 6.76 24.36 -33.95
N ILE A 1009 6.12 23.36 -33.35
CA ILE A 1009 6.65 22.00 -33.34
C ILE A 1009 5.56 20.99 -33.70
N VAL A 1010 5.96 19.93 -34.40
CA VAL A 1010 5.05 18.87 -34.79
C VAL A 1010 5.57 17.55 -34.23
N VAL A 1011 4.72 16.84 -33.51
CA VAL A 1011 5.09 15.54 -32.96
C VAL A 1011 4.27 14.50 -33.71
N ALA A 1012 4.94 13.61 -34.43
CA ALA A 1012 4.25 12.57 -35.18
C ALA A 1012 4.69 11.19 -34.73
N ILE A 1013 3.74 10.41 -34.22
CA ILE A 1013 4.01 9.06 -33.77
C ILE A 1013 3.20 8.10 -34.64
N ASN A 1014 3.88 7.29 -35.45
CA ASN A 1014 3.21 6.35 -36.34
C ASN A 1014 3.23 4.94 -35.74
N ALA A 1015 2.26 4.66 -34.88
CA ALA A 1015 2.13 3.36 -34.23
C ALA A 1015 1.36 2.44 -35.18
N ALA A 1016 2.00 2.06 -36.28
CA ALA A 1016 1.37 1.22 -37.27
C ALA A 1016 2.40 0.55 -38.18
N PRO A 1017 2.04 -0.58 -38.79
CA PRO A 1017 2.94 -1.32 -39.69
C PRO A 1017 3.06 -0.77 -41.12
N GLU A 1018 2.42 0.37 -41.39
CA GLU A 1018 2.46 0.98 -42.72
C GLU A 1018 3.21 2.31 -42.69
N SER A 1019 3.68 2.74 -43.86
CA SER A 1019 4.32 4.04 -43.98
C SER A 1019 3.12 4.97 -44.11
N ARG A 1020 3.21 6.16 -43.53
CA ARG A 1020 2.14 7.15 -43.59
C ARG A 1020 2.67 8.47 -44.14
N THR A 1021 1.89 9.13 -44.98
CA THR A 1021 2.29 10.42 -45.55
C THR A 1021 1.38 11.54 -45.04
N LEU A 1022 1.99 12.62 -44.55
CA LEU A 1022 1.24 13.77 -44.06
C LEU A 1022 1.28 14.93 -45.05
N GLN A 1023 0.12 15.45 -45.41
CA GLN A 1023 0.02 16.58 -46.34
C GLN A 1023 -0.39 17.84 -45.59
N ASP A 1024 -0.67 17.67 -44.30
CA ASP A 1024 -1.10 18.75 -43.42
C ASP A 1024 -0.25 20.02 -43.40
N PHE A 1025 1.05 19.88 -43.64
CA PHE A 1025 1.93 21.03 -43.59
C PHE A 1025 2.64 21.35 -44.90
N ALA A 1026 1.94 21.13 -46.01
CA ALA A 1026 2.50 21.40 -47.32
C ALA A 1026 2.90 22.88 -47.43
N GLY A 1027 4.10 23.13 -47.95
CA GLY A 1027 4.57 24.49 -48.11
C GLY A 1027 4.65 25.26 -46.80
N THR A 1028 5.32 24.68 -45.80
CA THR A 1028 5.46 25.32 -44.51
C THR A 1028 6.91 25.31 -44.03
N SER A 1029 7.81 24.75 -44.85
CA SER A 1029 9.23 24.68 -44.52
C SER A 1029 9.51 23.97 -43.19
N LEU A 1030 9.00 22.76 -43.06
CA LEU A 1030 9.19 21.96 -41.85
C LEU A 1030 10.54 21.24 -41.91
N GLN A 1031 11.21 21.11 -40.77
CA GLN A 1031 12.50 20.44 -40.71
C GLN A 1031 12.55 19.40 -39.59
N LEU A 1032 13.24 18.28 -39.83
CA LEU A 1032 13.38 17.24 -38.82
C LEU A 1032 14.33 17.76 -37.74
N SER A 1033 14.00 17.51 -36.48
CA SER A 1033 14.82 17.95 -35.36
C SER A 1033 16.29 17.57 -35.53
N ALA A 1034 17.18 18.49 -35.22
CA ALA A 1034 18.62 18.25 -35.34
C ALA A 1034 19.05 17.05 -34.51
N ILE A 1035 18.41 16.87 -33.36
CA ILE A 1035 18.74 15.75 -32.49
C ILE A 1035 18.48 14.41 -33.19
N GLN A 1036 17.34 14.31 -33.88
CA GLN A 1036 17.04 13.06 -34.58
C GLN A 1036 17.91 12.90 -35.82
N GLN A 1037 18.23 14.01 -36.49
CA GLN A 1037 19.08 13.93 -37.68
C GLN A 1037 20.44 13.35 -37.28
N ALA A 1038 20.97 13.84 -36.16
CA ALA A 1038 22.27 13.40 -35.67
C ALA A 1038 22.36 11.90 -35.35
N ALA A 1039 21.22 11.28 -35.05
CA ALA A 1039 21.21 9.85 -34.73
C ALA A 1039 21.26 8.95 -35.96
N GLY A 1040 21.13 9.55 -37.13
CA GLY A 1040 21.19 8.77 -38.36
C GLY A 1040 20.21 7.60 -38.41
N ASP A 1041 20.69 6.44 -38.85
CA ASP A 1041 19.82 5.26 -38.95
C ASP A 1041 19.55 4.58 -37.62
N ARG A 1042 19.94 5.22 -36.52
CA ARG A 1042 19.68 4.67 -35.18
C ARG A 1042 18.55 5.48 -34.55
N SER A 1043 18.08 6.48 -35.27
CA SER A 1043 17.01 7.34 -34.78
C SER A 1043 15.64 6.69 -34.90
N LEU A 1044 14.71 7.14 -34.07
CA LEU A 1044 13.34 6.63 -34.15
C LEU A 1044 12.72 7.19 -35.42
N ALA A 1045 13.37 8.22 -35.98
CA ALA A 1045 12.90 8.85 -37.22
C ALA A 1045 13.70 8.42 -38.45
N SER A 1046 14.47 7.34 -38.33
CA SER A 1046 15.25 6.84 -39.45
C SER A 1046 14.30 6.52 -40.62
N GLY A 1047 14.59 7.05 -41.80
CA GLY A 1047 13.75 6.79 -42.95
C GLY A 1047 12.67 7.84 -43.22
N VAL A 1048 12.48 8.74 -42.27
CA VAL A 1048 11.49 9.80 -42.43
C VAL A 1048 11.96 10.70 -43.56
N GLN A 1049 11.04 11.12 -44.42
CA GLN A 1049 11.40 11.98 -45.53
C GLN A 1049 10.54 13.22 -45.64
N VAL A 1050 11.19 14.37 -45.65
CA VAL A 1050 10.52 15.65 -45.77
C VAL A 1050 10.73 16.09 -47.22
N ALA A 1051 9.69 15.95 -48.03
CA ALA A 1051 9.75 16.29 -49.44
C ALA A 1051 9.71 17.78 -49.75
N ALA A 1052 10.00 18.12 -51.00
CA ALA A 1052 10.01 19.49 -51.45
C ALA A 1052 8.60 20.09 -51.35
N ASP A 1053 7.60 19.28 -51.70
CA ASP A 1053 6.22 19.73 -51.65
C ASP A 1053 5.73 19.90 -50.22
N GLY A 1054 6.65 19.83 -49.26
CA GLY A 1054 6.29 19.99 -47.87
C GLY A 1054 5.73 18.76 -47.16
N SER A 1055 5.27 17.78 -47.94
CA SER A 1055 4.72 16.57 -47.36
C SER A 1055 5.77 15.81 -46.57
N VAL A 1056 5.33 15.08 -45.55
CA VAL A 1056 6.23 14.30 -44.71
C VAL A 1056 5.79 12.84 -44.70
N THR A 1057 6.73 11.94 -44.93
CA THR A 1057 6.41 10.51 -44.92
C THR A 1057 7.15 9.81 -43.79
N LEU A 1058 6.39 9.06 -42.98
CA LEU A 1058 6.96 8.33 -41.86
C LEU A 1058 6.89 6.83 -42.08
N PRO A 1059 7.97 6.12 -41.75
CA PRO A 1059 8.02 4.66 -41.91
C PRO A 1059 7.19 4.02 -40.79
N ALA A 1060 7.00 2.71 -40.86
CA ALA A 1060 6.26 2.00 -39.83
C ALA A 1060 6.96 2.15 -38.46
N TRP A 1061 6.16 2.18 -37.40
CA TRP A 1061 6.64 2.28 -36.03
C TRP A 1061 7.76 3.31 -35.84
N SER A 1062 7.50 4.55 -36.23
CA SER A 1062 8.49 5.63 -36.12
C SER A 1062 7.96 6.81 -35.33
N VAL A 1063 8.89 7.66 -34.91
CA VAL A 1063 8.55 8.87 -34.17
C VAL A 1063 9.38 10.01 -34.74
N ALA A 1064 8.71 11.09 -35.12
CA ALA A 1064 9.40 12.24 -35.68
C ALA A 1064 8.95 13.54 -35.04
N VAL A 1065 9.94 14.37 -34.71
CA VAL A 1065 9.69 15.69 -34.14
C VAL A 1065 10.18 16.66 -35.21
N LEU A 1066 9.25 17.44 -35.77
CA LEU A 1066 9.59 18.40 -36.81
C LEU A 1066 9.41 19.80 -36.24
N GLU A 1067 10.10 20.77 -36.83
CA GLU A 1067 9.98 22.14 -36.34
C GLU A 1067 9.97 23.19 -37.44
N LEU A 1068 9.30 24.30 -37.16
CA LEU A 1068 9.21 25.42 -38.09
C LEU A 1068 10.29 26.40 -37.66
N PRO A 1069 11.39 26.49 -38.44
CA PRO A 1069 12.46 27.42 -38.09
C PRO A 1069 11.96 28.87 -38.04
N GLN A 1070 12.40 29.60 -37.02
CA GLN A 1070 11.98 30.98 -36.85
C GLN A 1070 12.91 31.97 -37.55
N GLY A 1071 12.32 32.89 -38.30
CA GLY A 1071 13.11 33.88 -39.02
C GLY A 1071 13.46 35.08 -38.17
N GLU A 1072 13.60 36.24 -38.82
CA GLU A 1072 13.95 37.46 -38.11
C GLU A 1072 12.90 37.83 -37.07
N SER A 1073 11.64 37.61 -37.39
CA SER A 1073 10.55 37.92 -36.47
C SER A 1073 9.69 36.69 -36.21
N GLN A 1074 8.78 36.78 -35.26
CA GLN A 1074 7.89 35.69 -34.93
C GLN A 1074 7.03 35.38 -36.16
N GLY A 1075 6.98 34.11 -36.55
CA GLY A 1075 6.20 33.73 -37.71
C GLY A 1075 4.74 33.43 -37.43
N ALA A 1076 4.07 32.80 -38.39
CA ALA A 1076 2.67 32.45 -38.24
C ALA A 1076 2.49 31.22 -37.35
N GLY A 1077 3.51 30.37 -37.31
CA GLY A 1077 3.46 29.17 -36.49
C GLY A 1077 2.40 28.16 -36.90
N LEU A 1078 1.81 27.50 -35.90
CA LEU A 1078 0.78 26.49 -36.12
C LEU A 1078 -0.40 26.81 -35.21
N PRO A 1079 -1.19 27.83 -35.57
CA PRO A 1079 -2.34 28.23 -34.77
C PRO A 1079 -3.36 27.13 -34.51
N VAL A 1080 -3.87 27.10 -33.28
CA VAL A 1080 -4.86 26.11 -32.89
C VAL A 1080 -6.12 26.41 -33.70
N SER A 1081 -6.68 25.39 -34.33
CA SER A 1081 -7.88 25.55 -35.13
C SER A 1081 -9.11 25.81 -34.28
N SER A 1082 -9.99 26.68 -34.76
CA SER A 1082 -11.21 27.00 -34.04
C SER A 1082 -12.14 25.80 -34.14
N LYS A 1083 -12.85 25.50 -33.05
CA LYS A 1083 -13.75 24.35 -33.05
C LYS A 1083 -15.14 24.72 -32.54
C1 GLC B . -8.23 2.01 -10.91
C2 GLC B . -6.83 2.21 -11.48
C3 GLC B . -5.93 1.05 -11.09
C4 GLC B . -5.93 0.87 -9.57
C5 GLC B . -7.37 0.70 -9.08
C6 GLC B . -7.47 0.59 -7.57
O1 GLC B . -8.80 0.86 -11.46
O2 GLC B . -6.89 2.31 -12.90
O3 GLC B . -4.61 1.28 -11.54
O4 GLC B . -5.15 -0.28 -9.22
O5 GLC B . -8.17 1.84 -9.48
O6 GLC B . -8.82 0.45 -7.14
C1 GLC B . -3.85 0.01 -8.76
C2 GLC B . -2.84 -1.02 -9.31
C3 GLC B . -3.09 -2.38 -8.67
C4 GLC B . -3.04 -2.26 -7.14
C5 GLC B . -4.03 -1.20 -6.67
C6 GLC B . -3.99 -0.92 -5.18
O2 GLC B . -2.98 -1.11 -10.72
O3 GLC B . -2.10 -3.30 -9.11
O4 GLC B . -3.34 -3.51 -6.55
O5 GLC B . -3.78 0.06 -7.34
O6 GLC B . -2.70 -1.22 -4.64
C1 GLC C . 0.32 0.72 -3.74
C2 GLC C . 1.69 0.22 -4.20
C3 GLC C . 1.70 -1.30 -4.15
C4 GLC C . 1.37 -1.78 -2.73
C5 GLC C . 0.07 -1.14 -2.21
C6 GLC C . -0.07 -1.37 -0.72
O1 GLC C . -0.68 0.20 -4.54
O2 GLC C . 1.95 0.67 -5.52
O3 GLC C . 2.99 -1.78 -4.53
O4 GLC C . 1.22 -3.22 -2.72
O5 GLC C . 0.08 0.31 -2.39
O6 GLC C . 0.90 -0.59 -0.02
C1 GLC C . 2.39 -3.97 -2.50
C2 GLC C . 2.21 -5.37 -3.12
C3 GLC C . 1.22 -6.20 -2.31
C4 GLC C . 1.64 -6.25 -0.84
C5 GLC C . 1.77 -4.81 -0.31
C6 GLC C . 2.24 -4.74 1.13
O2 GLC C . 1.75 -5.24 -4.45
O3 GLC C . 1.16 -7.52 -2.83
O4 GLC C . 0.67 -6.97 -0.08
O5 GLC C . 2.72 -4.08 -1.11
O6 GLC C . 3.51 -5.35 1.31
CA CA D . 11.68 -11.36 0.65
CA CA E . 9.36 31.11 -31.44
CA CA F . -15.88 1.91 5.29
CA CA G . 13.69 -2.35 8.69
CA CA H . -23.28 -29.10 36.88
#